data_8RC6
#
_entry.id   8RC6
#
_cell.length_a   1.00
_cell.length_b   1.00
_cell.length_c   1.00
_cell.angle_alpha   90.00
_cell.angle_beta   90.00
_cell.angle_gamma   90.00
#
_symmetry.space_group_name_H-M   'P 1'
#
_entity_poly.entity_id   1
_entity_poly.type   'polypeptide(L)'
_entity_poly.pdbx_seq_one_letter_code
;AENYHLKWDSHLTYLNSSIATLYKNEKFADVVLYSSYNSSGIPSDIPTVGISAHKFILSASSQFFATMFETAPITNPNGV
LYVVLPPDLSHRAIQILVQYMYSGEATVSNDILNEVLRGGEILKIRGLCRT
;
_entity_poly.pdbx_strand_id   A,B,C,D,E,F
#
# COMPACT_ATOMS: atom_id res chain seq x y z
N ASN A 3 4.15 -45.08 -2.42
CA ASN A 3 4.74 -43.77 -2.69
C ASN A 3 5.01 -43.63 -4.19
N TYR A 4 4.99 -42.40 -4.67
CA TYR A 4 5.13 -42.14 -6.10
C TYR A 4 5.97 -40.89 -6.32
N HIS A 5 6.69 -40.89 -7.43
CA HIS A 5 7.52 -39.77 -7.84
C HIS A 5 6.86 -39.08 -9.02
N LEU A 6 6.53 -37.81 -8.85
CA LEU A 6 5.80 -37.05 -9.85
C LEU A 6 6.75 -36.07 -10.53
N LYS A 7 6.74 -36.07 -11.86
CA LYS A 7 7.60 -35.21 -12.65
C LYS A 7 7.01 -35.09 -14.05
N TRP A 8 7.46 -34.07 -14.79
CA TRP A 8 7.07 -33.95 -16.18
C TRP A 8 8.30 -33.57 -17.02
N ASP A 9 8.14 -33.74 -18.33
CA ASP A 9 9.29 -33.88 -19.22
C ASP A 9 10.19 -32.65 -19.20
N SER A 10 9.61 -31.45 -19.30
CA SER A 10 10.41 -30.27 -19.56
C SER A 10 9.86 -29.12 -18.72
N HIS A 11 10.47 -28.93 -17.56
CA HIS A 11 10.17 -27.78 -16.71
C HIS A 11 11.04 -26.59 -17.11
N LEU A 12 12.32 -26.84 -17.33
CA LEU A 12 13.25 -25.74 -17.56
C LEU A 12 12.96 -25.03 -18.87
N THR A 13 12.48 -25.73 -19.90
CA THR A 13 12.19 -25.03 -21.14
C THR A 13 11.10 -23.98 -20.95
N TYR A 14 9.98 -24.35 -20.30
CA TYR A 14 8.92 -23.39 -20.07
C TYR A 14 9.35 -22.31 -19.10
N LEU A 15 10.10 -22.68 -18.05
CA LEU A 15 10.54 -21.69 -17.08
C LEU A 15 11.49 -20.69 -17.71
N ASN A 16 12.43 -21.17 -18.54
CA ASN A 16 13.34 -20.27 -19.23
C ASN A 16 12.58 -19.37 -20.18
N SER A 17 11.59 -19.91 -20.89
CA SER A 17 10.80 -19.07 -21.77
C SER A 17 10.06 -17.99 -20.98
N SER A 18 9.54 -18.34 -19.80
CA SER A 18 8.82 -17.37 -19.00
C SER A 18 9.74 -16.28 -18.49
N ILE A 19 10.90 -16.67 -17.94
CA ILE A 19 11.83 -15.67 -17.45
C ILE A 19 12.35 -14.82 -18.59
N ALA A 20 12.42 -15.38 -19.79
CA ALA A 20 12.85 -14.59 -20.94
C ALA A 20 11.93 -13.41 -21.16
N THR A 21 10.61 -13.65 -21.22
CA THR A 21 9.69 -12.55 -21.44
C THR A 21 9.62 -11.63 -20.25
N LEU A 22 9.90 -12.15 -19.05
CA LEU A 22 9.82 -11.32 -17.86
C LEU A 22 10.73 -10.11 -17.98
N TYR A 23 11.77 -10.21 -18.81
CA TYR A 23 12.65 -9.08 -19.06
C TYR A 23 11.89 -7.91 -19.68
N LYS A 24 10.92 -8.18 -20.54
CA LYS A 24 10.29 -7.13 -21.33
C LYS A 24 8.84 -6.89 -20.97
N ASN A 25 8.11 -7.89 -20.47
CA ASN A 25 6.78 -7.63 -19.95
C ASN A 25 6.81 -6.88 -18.64
N GLU A 26 7.96 -6.84 -17.97
CA GLU A 26 8.16 -6.00 -16.80
C GLU A 26 7.14 -6.28 -15.70
N LYS A 27 6.43 -7.40 -15.79
CA LYS A 27 5.48 -7.76 -14.75
C LYS A 27 6.20 -8.04 -13.44
N PHE A 28 5.50 -7.83 -12.33
CA PHE A 28 5.95 -8.29 -11.02
C PHE A 28 7.26 -7.65 -10.57
N ALA A 29 7.65 -6.53 -11.16
CA ALA A 29 8.96 -5.95 -10.83
C ALA A 29 9.00 -5.56 -9.37
N ASP A 30 10.21 -5.55 -8.81
CA ASP A 30 10.42 -5.20 -7.41
C ASP A 30 11.55 -4.22 -7.18
N VAL A 31 12.34 -3.87 -8.19
CA VAL A 31 13.45 -2.95 -8.03
C VAL A 31 13.44 -1.94 -9.17
N VAL A 32 14.00 -0.76 -8.90
CA VAL A 32 14.13 0.29 -9.89
C VAL A 32 15.59 0.73 -9.92
N LEU A 33 16.19 0.72 -11.10
CA LEU A 33 17.61 0.98 -11.28
C LEU A 33 17.82 2.34 -11.93
N TYR A 34 18.62 3.18 -11.30
CA TYR A 34 18.93 4.51 -11.83
C TYR A 34 20.43 4.62 -12.00
N SER A 35 20.84 5.55 -12.87
CA SER A 35 22.24 5.77 -13.16
C SER A 35 22.62 7.20 -12.77
N SER A 36 23.71 7.33 -12.03
CA SER A 36 24.28 8.64 -11.76
C SER A 36 25.09 9.18 -12.92
N TYR A 37 25.33 8.35 -13.93
CA TYR A 37 26.13 8.74 -15.07
C TYR A 37 25.51 9.96 -15.77
N ASN A 38 26.35 10.67 -16.53
CA ASN A 38 26.00 11.99 -17.04
C ASN A 38 24.74 11.95 -17.91
N SER A 39 23.77 12.78 -17.55
CA SER A 39 22.55 12.97 -18.33
C SER A 39 22.82 13.91 -19.51
N SER A 40 23.62 13.42 -20.46
CA SER A 40 24.08 14.20 -21.60
C SER A 40 24.98 15.36 -21.17
N GLY A 41 25.55 15.26 -19.97
CA GLY A 41 26.48 16.28 -19.51
C GLY A 41 25.77 17.46 -18.92
N ILE A 42 26.21 18.66 -19.30
CA ILE A 42 25.76 19.92 -18.70
C ILE A 42 24.24 20.05 -18.77
N PRO A 43 23.59 19.71 -19.89
CA PRO A 43 22.16 20.00 -20.02
C PRO A 43 21.30 19.41 -18.91
N SER A 44 21.72 18.33 -18.27
CA SER A 44 20.94 17.66 -17.24
C SER A 44 19.60 17.16 -17.76
N ASP A 45 19.43 17.10 -19.08
CA ASP A 45 18.11 16.91 -19.67
C ASP A 45 17.56 15.51 -19.41
N ILE A 46 18.40 14.49 -19.55
CA ILE A 46 17.90 13.12 -19.63
C ILE A 46 18.63 12.25 -18.61
N PRO A 47 18.25 12.30 -17.34
CA PRO A 47 18.73 11.28 -16.39
C PRO A 47 18.03 9.96 -16.65
N THR A 48 18.63 8.89 -16.14
CA THR A 48 18.01 7.58 -16.24
C THR A 48 16.74 7.58 -15.41
N VAL A 49 15.59 7.58 -16.08
CA VAL A 49 14.32 7.67 -15.36
C VAL A 49 14.18 6.50 -14.41
N GLY A 50 14.65 5.33 -14.80
CA GLY A 50 14.54 4.16 -13.96
C GLY A 50 14.33 2.90 -14.77
N ILE A 51 14.96 1.80 -14.35
CA ILE A 51 14.76 0.51 -14.98
C ILE A 51 14.22 -0.45 -13.95
N SER A 52 13.00 -0.94 -14.18
CA SER A 52 12.36 -1.86 -13.26
C SER A 52 12.93 -3.27 -13.46
N ALA A 53 13.07 -4.00 -12.35
CA ALA A 53 13.71 -5.30 -12.39
C ALA A 53 13.08 -6.17 -11.32
N HIS A 54 13.60 -7.39 -11.20
CA HIS A 54 13.08 -8.38 -10.27
C HIS A 54 14.14 -8.75 -9.25
N LYS A 55 13.76 -8.73 -7.98
CA LYS A 55 14.72 -8.97 -6.90
C LYS A 55 15.44 -10.30 -7.07
N PHE A 56 14.69 -11.36 -7.34
CA PHE A 56 15.28 -12.70 -7.31
C PHE A 56 16.29 -12.92 -8.42
N ILE A 57 16.17 -12.22 -9.54
CA ILE A 57 17.12 -12.41 -10.63
C ILE A 57 18.42 -11.70 -10.31
N LEU A 58 18.35 -10.39 -10.07
CA LEU A 58 19.56 -9.64 -9.73
C LEU A 58 20.24 -10.26 -8.51
N SER A 59 19.45 -10.82 -7.59
CA SER A 59 20.03 -11.51 -6.45
C SER A 59 20.74 -12.79 -6.87
N ALA A 60 20.15 -13.54 -7.81
CA ALA A 60 20.73 -14.83 -8.19
C ALA A 60 22.02 -14.63 -8.99
N SER A 61 22.03 -13.67 -9.91
CA SER A 61 23.10 -13.56 -10.89
C SER A 61 24.09 -12.44 -10.60
N SER A 62 23.92 -11.70 -9.51
CA SER A 62 24.88 -10.67 -9.13
C SER A 62 25.19 -10.77 -7.64
N GLN A 63 26.46 -10.97 -7.31
CA GLN A 63 26.85 -11.01 -5.92
C GLN A 63 26.81 -9.63 -5.26
N PHE A 64 26.94 -8.57 -6.04
CA PHE A 64 26.73 -7.22 -5.49
C PHE A 64 25.28 -7.02 -5.10
N PHE A 65 24.36 -7.30 -6.02
CA PHE A 65 22.96 -7.08 -5.75
C PHE A 65 22.44 -8.00 -4.65
N ALA A 66 22.93 -9.24 -4.62
CA ALA A 66 22.49 -10.16 -3.58
C ALA A 66 22.78 -9.59 -2.21
N THR A 67 24.04 -9.19 -1.98
CA THR A 67 24.39 -8.64 -0.67
C THR A 67 23.71 -7.30 -0.43
N MET A 68 23.42 -6.55 -1.50
CA MET A 68 22.65 -5.33 -1.32
C MET A 68 21.28 -5.65 -0.75
N PHE A 69 20.58 -6.59 -1.36
CA PHE A 69 19.25 -6.95 -0.90
C PHE A 69 19.28 -7.67 0.44
N GLU A 70 20.42 -8.22 0.84
CA GLU A 70 20.52 -8.87 2.14
C GLU A 70 20.85 -7.88 3.25
N THR A 71 21.71 -6.90 2.97
CA THR A 71 22.14 -5.92 3.97
C THR A 71 21.19 -4.73 4.08
N ALA A 72 20.27 -4.56 3.13
CA ALA A 72 19.41 -3.37 3.08
C ALA A 72 17.96 -3.82 3.04
N PRO A 73 17.43 -4.27 4.17
CA PRO A 73 16.09 -4.90 4.18
C PRO A 73 14.97 -3.86 4.09
N ILE A 74 14.06 -4.08 3.15
CA ILE A 74 12.80 -3.35 3.10
C ILE A 74 11.83 -4.11 3.99
N THR A 75 11.84 -3.81 5.29
CA THR A 75 11.04 -4.55 6.25
C THR A 75 9.61 -4.05 6.35
N ASN A 76 9.29 -2.93 5.71
CA ASN A 76 7.94 -2.42 5.73
C ASN A 76 7.01 -3.36 4.98
N PRO A 77 5.69 -3.23 5.19
CA PRO A 77 4.74 -4.06 4.44
C PRO A 77 4.71 -3.77 2.95
N ASN A 78 5.18 -2.61 2.50
CA ASN A 78 5.15 -2.29 1.08
C ASN A 78 6.20 -1.23 0.77
N GLY A 79 6.69 -1.27 -0.45
CA GLY A 79 7.76 -0.39 -0.92
C GLY A 79 8.57 -1.08 -2.01
N VAL A 80 9.11 -0.27 -2.91
CA VAL A 80 9.93 -0.75 -4.03
C VAL A 80 11.33 -0.17 -3.89
N LEU A 81 12.35 -1.02 -4.08
CA LEU A 81 13.73 -0.63 -3.83
C LEU A 81 14.26 0.21 -4.98
N TYR A 82 14.59 1.48 -4.71
CA TYR A 82 15.20 2.36 -5.70
C TYR A 82 16.71 2.28 -5.56
N VAL A 83 17.32 1.43 -6.38
CA VAL A 83 18.76 1.23 -6.34
C VAL A 83 19.43 2.23 -7.27
N VAL A 84 20.29 3.07 -6.72
CA VAL A 84 21.07 4.02 -7.50
C VAL A 84 22.46 3.41 -7.67
N LEU A 85 22.82 3.11 -8.92
CA LEU A 85 24.07 2.41 -9.17
C LEU A 85 25.22 3.39 -9.34
N PRO A 86 26.47 2.95 -9.16
CA PRO A 86 27.60 3.85 -9.33
C PRO A 86 27.57 4.54 -10.68
N PRO A 87 28.33 5.62 -10.83
CA PRO A 87 28.29 6.39 -12.08
C PRO A 87 28.91 5.68 -13.27
N ASP A 88 29.53 4.52 -13.08
CA ASP A 88 30.14 3.81 -14.20
C ASP A 88 29.12 3.39 -15.24
N LEU A 89 27.85 3.35 -14.88
CA LEU A 89 26.84 2.63 -15.66
C LEU A 89 25.92 3.62 -16.38
N SER A 90 26.22 3.85 -17.65
CA SER A 90 25.32 4.59 -18.53
C SER A 90 24.02 3.81 -18.70
N HIS A 91 22.94 4.55 -18.99
CA HIS A 91 21.63 3.91 -19.05
C HIS A 91 21.64 2.76 -20.06
N ARG A 92 22.38 2.92 -21.16
CA ARG A 92 22.55 1.80 -22.08
C ARG A 92 23.20 0.63 -21.38
N ALA A 93 24.23 0.89 -20.58
CA ALA A 93 24.92 -0.20 -19.91
C ALA A 93 24.01 -0.91 -18.93
N ILE A 94 23.21 -0.16 -18.17
CA ILE A 94 22.32 -0.78 -17.20
C ILE A 94 21.32 -1.69 -17.91
N GLN A 95 20.70 -1.20 -18.97
CA GLN A 95 19.70 -2.01 -19.65
C GLN A 95 20.30 -3.27 -20.24
N ILE A 96 21.51 -3.17 -20.81
CA ILE A 96 22.15 -4.35 -21.37
C ILE A 96 22.51 -5.34 -20.27
N LEU A 97 23.04 -4.84 -19.15
CA LEU A 97 23.41 -5.74 -18.06
C LEU A 97 22.19 -6.42 -17.47
N VAL A 98 21.06 -5.73 -17.41
CA VAL A 98 19.82 -6.38 -16.96
C VAL A 98 19.36 -7.40 -17.98
N GLN A 99 19.51 -7.10 -19.27
CA GLN A 99 19.24 -8.09 -20.31
C GLN A 99 20.08 -9.33 -20.08
N TYR A 100 21.33 -9.14 -19.69
CA TYR A 100 22.25 -10.26 -19.48
C TYR A 100 21.89 -11.07 -18.25
N MET A 101 21.51 -10.39 -17.16
CA MET A 101 21.14 -11.10 -15.96
C MET A 101 19.85 -11.89 -16.15
N TYR A 102 19.05 -11.54 -17.15
CA TYR A 102 17.83 -12.28 -17.42
C TYR A 102 18.06 -13.43 -18.41
N SER A 103 18.55 -13.12 -19.60
CA SER A 103 18.62 -14.09 -20.67
C SER A 103 20.01 -14.69 -20.85
N GLY A 104 20.96 -14.41 -19.97
CA GLY A 104 22.24 -15.05 -20.08
C GLY A 104 23.00 -14.71 -21.34
N GLU A 105 22.56 -13.69 -22.07
CA GLU A 105 23.19 -13.30 -23.31
C GLU A 105 22.89 -11.84 -23.57
N ALA A 106 23.82 -11.16 -24.23
CA ALA A 106 23.61 -9.78 -24.62
C ALA A 106 24.51 -9.44 -25.79
N THR A 107 23.91 -9.06 -26.92
CA THR A 107 24.69 -8.43 -27.97
C THR A 107 25.06 -7.03 -27.55
N VAL A 108 26.30 -6.63 -27.83
CA VAL A 108 26.82 -5.36 -27.34
C VAL A 108 27.54 -4.65 -28.48
N SER A 109 27.26 -3.36 -28.63
CA SER A 109 27.92 -2.57 -29.66
C SER A 109 29.36 -2.29 -29.26
N ASN A 110 30.23 -2.18 -30.25
CA ASN A 110 31.66 -2.09 -29.98
C ASN A 110 31.98 -0.90 -29.08
N ASP A 111 31.27 0.21 -29.24
CA ASP A 111 31.67 1.44 -28.55
C ASP A 111 31.49 1.34 -27.05
N ILE A 112 30.53 0.54 -26.58
CA ILE A 112 30.25 0.42 -25.15
C ILE A 112 30.91 -0.81 -24.54
N LEU A 113 31.71 -1.53 -25.30
CA LEU A 113 32.31 -2.75 -24.76
C LEU A 113 33.08 -2.45 -23.49
N ASN A 114 33.91 -1.40 -23.51
CA ASN A 114 34.71 -1.07 -22.34
C ASN A 114 33.86 -0.52 -21.20
N GLU A 115 32.61 -0.16 -21.46
CA GLU A 115 31.70 0.24 -20.39
C GLU A 115 30.99 -0.97 -19.80
N VAL A 116 30.51 -1.87 -20.63
CA VAL A 116 29.77 -3.03 -20.14
C VAL A 116 30.71 -4.03 -19.48
N LEU A 117 31.82 -4.35 -20.14
CA LEU A 117 32.78 -5.27 -19.53
C LEU A 117 33.25 -4.73 -18.19
N ARG A 118 33.30 -3.41 -18.05
CA ARG A 118 33.61 -2.82 -16.75
C ARG A 118 32.47 -3.06 -15.77
N GLY A 119 31.26 -2.62 -16.14
CA GLY A 119 30.15 -2.67 -15.21
C GLY A 119 29.89 -4.08 -14.70
N GLY A 120 30.05 -5.07 -15.56
CA GLY A 120 29.79 -6.44 -15.14
C GLY A 120 30.67 -6.86 -14.00
N GLU A 121 31.93 -6.44 -14.01
CA GLU A 121 32.82 -6.72 -12.89
C GLU A 121 32.50 -5.81 -11.70
N ILE A 122 32.16 -4.55 -11.96
CA ILE A 122 31.81 -3.64 -10.88
C ILE A 122 30.71 -4.25 -10.02
N LEU A 123 29.65 -4.74 -10.68
CA LEU A 123 28.51 -5.33 -10.01
C LEU A 123 28.65 -6.84 -9.83
N LYS A 124 29.77 -7.42 -10.23
CA LYS A 124 30.02 -8.84 -10.10
C LYS A 124 28.83 -9.67 -10.57
N ILE A 125 28.53 -9.55 -11.86
CA ILE A 125 27.55 -10.40 -12.51
C ILE A 125 28.26 -11.66 -12.99
N ARG A 126 27.84 -12.81 -12.49
CA ARG A 126 28.45 -14.06 -12.89
C ARG A 126 28.39 -14.22 -14.40
N GLY A 127 29.49 -14.69 -14.98
CA GLY A 127 29.63 -14.78 -16.42
C GLY A 127 30.29 -13.55 -17.03
N LEU A 128 30.04 -12.36 -16.48
CA LEU A 128 30.81 -11.18 -16.85
C LEU A 128 32.02 -11.02 -15.94
N CYS A 129 31.82 -11.09 -14.62
CA CYS A 129 32.90 -10.84 -13.69
C CYS A 129 33.94 -11.95 -13.79
N ARG A 130 35.21 -11.55 -13.66
CA ARG A 130 36.32 -12.49 -13.72
C ARG A 130 36.40 -13.20 -12.38
N THR A 131 35.41 -14.05 -12.13
CA THR A 131 35.36 -14.81 -10.90
C THR A 131 35.28 -13.89 -9.70
N GLU B 2 30.35 -4.45 -36.09
CA GLU B 2 30.22 -3.28 -35.23
C GLU B 2 29.73 -3.66 -33.84
N ASN B 3 29.64 -4.95 -33.55
CA ASN B 3 29.14 -5.41 -32.27
C ASN B 3 29.91 -6.63 -31.80
N TYR B 4 30.14 -6.71 -30.50
CA TYR B 4 30.59 -7.92 -29.85
C TYR B 4 29.36 -8.67 -29.34
N HIS B 5 29.59 -9.77 -28.62
CA HIS B 5 28.50 -10.62 -28.16
C HIS B 5 28.89 -11.25 -26.85
N LEU B 6 28.16 -10.92 -25.78
CA LEU B 6 28.41 -11.48 -24.45
C LEU B 6 27.56 -12.74 -24.26
N LYS B 7 28.06 -13.85 -24.78
CA LYS B 7 27.43 -15.13 -24.50
C LYS B 7 27.71 -15.52 -23.05
N TRP B 8 26.88 -16.42 -22.53
CA TRP B 8 27.17 -17.07 -21.26
C TRP B 8 26.47 -18.41 -21.24
N ASP B 9 27.23 -19.48 -21.45
CA ASP B 9 26.64 -20.81 -21.57
C ASP B 9 25.88 -21.23 -20.33
N SER B 10 26.44 -20.98 -19.15
CA SER B 10 25.94 -21.57 -17.92
C SER B 10 24.83 -20.78 -17.26
N HIS B 11 24.28 -19.76 -17.92
CA HIS B 11 23.27 -18.93 -17.28
C HIS B 11 22.12 -19.77 -16.75
N LEU B 12 21.53 -20.60 -17.59
CA LEU B 12 20.35 -21.35 -17.19
C LEU B 12 20.62 -22.24 -16.00
N THR B 13 21.83 -22.79 -15.91
CA THR B 13 22.12 -23.74 -14.84
C THR B 13 22.20 -23.04 -13.49
N TYR B 14 22.84 -21.88 -13.43
CA TYR B 14 22.84 -21.12 -12.19
C TYR B 14 21.45 -20.60 -11.88
N LEU B 15 20.66 -20.33 -12.92
CA LEU B 15 19.27 -19.95 -12.71
C LEU B 15 18.48 -21.10 -12.10
N ASN B 16 18.72 -22.32 -12.58
CA ASN B 16 18.00 -23.48 -12.02
C ASN B 16 18.33 -23.66 -10.54
N SER B 17 19.62 -23.71 -10.21
CA SER B 17 20.00 -23.92 -8.83
C SER B 17 19.50 -22.79 -7.94
N SER B 18 19.59 -21.55 -8.44
CA SER B 18 19.18 -20.41 -7.64
C SER B 18 17.69 -20.45 -7.33
N ILE B 19 16.86 -20.65 -8.35
CA ILE B 19 15.42 -20.62 -8.13
C ILE B 19 15.01 -21.72 -7.17
N ALA B 20 15.61 -22.90 -7.28
CA ALA B 20 15.18 -24.03 -6.46
C ALA B 20 15.30 -23.72 -4.98
N THR B 21 16.26 -22.86 -4.59
CA THR B 21 16.38 -22.50 -3.19
C THR B 21 15.17 -21.71 -2.72
N LEU B 22 14.51 -20.98 -3.62
CA LEU B 22 13.38 -20.16 -3.20
C LEU B 22 12.24 -21.02 -2.69
N TYR B 23 12.22 -22.31 -3.03
CA TYR B 23 11.32 -23.23 -2.36
C TYR B 23 11.67 -23.39 -0.89
N LYS B 24 12.91 -23.08 -0.51
CA LYS B 24 13.39 -23.34 0.84
C LYS B 24 13.72 -22.08 1.62
N ASN B 25 14.43 -21.11 1.03
CA ASN B 25 14.79 -19.90 1.77
C ASN B 25 13.72 -18.81 1.67
N GLU B 26 12.78 -18.92 0.74
CA GLU B 26 11.56 -18.11 0.68
C GLU B 26 11.83 -16.62 0.52
N LYS B 27 13.05 -16.22 0.19
CA LYS B 27 13.36 -14.80 0.10
C LYS B 27 12.74 -14.18 -1.15
N PHE B 28 12.22 -12.98 -1.00
CA PHE B 28 11.51 -12.24 -2.05
C PHE B 28 10.12 -12.82 -2.34
N ALA B 29 9.53 -13.55 -1.40
CA ALA B 29 8.18 -14.06 -1.57
C ALA B 29 7.15 -12.93 -1.54
N ASP B 30 6.10 -13.08 -2.35
CA ASP B 30 5.02 -12.11 -2.41
C ASP B 30 3.64 -12.72 -2.36
N VAL B 31 3.54 -14.04 -2.52
CA VAL B 31 2.26 -14.76 -2.45
C VAL B 31 2.29 -15.71 -1.28
N VAL B 32 1.21 -15.75 -0.53
CA VAL B 32 1.07 -16.65 0.62
C VAL B 32 -0.18 -17.48 0.38
N LEU B 33 -0.01 -18.79 0.29
CA LEU B 33 -1.10 -19.69 -0.04
C LEU B 33 -1.63 -20.34 1.23
N TYR B 34 -2.93 -20.31 1.41
CA TYR B 34 -3.59 -20.88 2.59
C TYR B 34 -4.44 -22.07 2.20
N SER B 35 -4.34 -23.12 3.00
CA SER B 35 -5.15 -24.31 2.81
C SER B 35 -6.54 -24.12 3.41
N SER B 36 -7.49 -24.93 2.94
CA SER B 36 -8.86 -24.86 3.42
C SER B 36 -9.47 -26.24 3.62
N TYR B 37 -8.67 -27.24 3.99
CA TYR B 37 -9.20 -28.59 4.14
C TYR B 37 -10.24 -28.67 5.26
N ASN B 38 -10.18 -27.77 6.24
CA ASN B 38 -11.16 -27.73 7.33
C ASN B 38 -11.23 -29.09 8.03
N SER B 39 -10.07 -29.70 8.23
CA SER B 39 -10.02 -31.01 8.87
C SER B 39 -10.25 -30.89 10.38
N SER B 40 -11.17 -31.70 10.89
CA SER B 40 -11.36 -31.91 12.33
C SER B 40 -11.44 -30.58 13.09
N GLY B 41 -12.45 -29.80 12.75
CA GLY B 41 -12.84 -28.64 13.54
C GLY B 41 -11.96 -27.43 13.31
N ILE B 42 -12.49 -26.29 13.76
CA ILE B 42 -11.90 -24.97 13.57
C ILE B 42 -10.71 -24.69 14.50
N PRO B 43 -10.72 -25.12 15.77
CA PRO B 43 -9.77 -24.55 16.73
C PRO B 43 -8.34 -25.05 16.63
N SER B 44 -8.06 -26.07 15.82
CA SER B 44 -6.72 -26.66 15.80
C SER B 44 -5.71 -25.75 15.11
N ASP B 45 -6.12 -24.99 14.10
CA ASP B 45 -5.20 -24.25 13.27
C ASP B 45 -5.71 -22.83 13.02
N ILE B 46 -6.20 -22.18 14.07
CA ILE B 46 -6.62 -20.78 13.93
C ILE B 46 -5.51 -19.94 13.29
N PRO B 47 -4.24 -20.06 13.71
CA PRO B 47 -3.16 -19.44 12.94
C PRO B 47 -2.69 -20.34 11.81
N THR B 48 -3.55 -20.49 10.79
CA THR B 48 -3.26 -21.43 9.72
C THR B 48 -1.90 -21.11 9.12
N VAL B 49 -1.15 -22.16 8.79
CA VAL B 49 0.21 -21.99 8.29
C VAL B 49 0.15 -21.50 6.85
N GLY B 50 0.75 -20.35 6.60
CA GLY B 50 0.74 -19.75 5.28
C GLY B 50 1.91 -20.17 4.43
N ILE B 51 1.61 -20.83 3.31
CA ILE B 51 2.65 -21.32 2.40
C ILE B 51 3.18 -20.15 1.59
N SER B 52 4.48 -19.95 1.62
CA SER B 52 5.11 -18.88 0.85
C SER B 52 5.30 -19.31 -0.60
N ALA B 53 5.11 -18.37 -1.52
CA ALA B 53 5.29 -18.63 -2.94
C ALA B 53 5.65 -17.32 -3.64
N HIS B 54 6.08 -17.43 -4.90
CA HIS B 54 6.47 -16.28 -5.69
C HIS B 54 5.55 -16.16 -6.89
N LYS B 55 5.02 -14.96 -7.13
CA LYS B 55 4.03 -14.75 -8.17
C LYS B 55 4.49 -15.30 -9.51
N PHE B 56 5.71 -14.99 -9.92
CA PHE B 56 6.14 -15.32 -11.26
C PHE B 56 6.17 -16.83 -11.49
N ILE B 57 6.61 -17.58 -10.48
CA ILE B 57 6.58 -19.03 -10.61
C ILE B 57 5.15 -19.51 -10.80
N LEU B 58 4.23 -19.00 -9.99
CA LEU B 58 2.83 -19.41 -10.09
C LEU B 58 2.28 -19.14 -11.47
N SER B 59 2.52 -17.94 -11.99
CA SER B 59 2.02 -17.60 -13.32
C SER B 59 2.67 -18.48 -14.39
N ALA B 60 3.94 -18.82 -14.21
CA ALA B 60 4.63 -19.63 -15.22
C ALA B 60 4.09 -21.05 -15.25
N SER B 61 3.87 -21.65 -14.08
CA SER B 61 3.54 -23.07 -14.03
C SER B 61 2.05 -23.34 -14.15
N SER B 62 1.20 -22.45 -13.64
CA SER B 62 -0.23 -22.67 -13.63
C SER B 62 -0.91 -21.60 -14.46
N GLN B 63 -1.82 -22.04 -15.34
CA GLN B 63 -2.63 -21.06 -16.06
C GLN B 63 -3.59 -20.36 -15.12
N PHE B 64 -4.12 -21.07 -14.13
CA PHE B 64 -5.12 -20.48 -13.25
C PHE B 64 -4.53 -19.30 -12.51
N PHE B 65 -3.30 -19.43 -12.02
CA PHE B 65 -2.66 -18.30 -11.37
C PHE B 65 -2.32 -17.21 -12.36
N ALA B 66 -2.06 -17.56 -13.62
CA ALA B 66 -1.72 -16.56 -14.62
C ALA B 66 -2.91 -15.67 -14.94
N THR B 67 -4.00 -16.28 -15.43
CA THR B 67 -5.18 -15.49 -15.73
C THR B 67 -5.65 -14.70 -14.52
N MET B 68 -5.41 -15.21 -13.33
CA MET B 68 -5.69 -14.45 -12.11
C MET B 68 -4.85 -13.18 -12.05
N PHE B 69 -3.53 -13.34 -11.98
CA PHE B 69 -2.64 -12.22 -11.77
C PHE B 69 -2.69 -11.20 -12.90
N GLU B 70 -3.12 -11.61 -14.10
CA GLU B 70 -3.26 -10.67 -15.20
C GLU B 70 -4.55 -9.88 -15.10
N THR B 71 -5.67 -10.59 -15.02
CA THR B 71 -6.99 -9.96 -15.12
C THR B 71 -7.59 -9.60 -13.77
N ALA B 72 -7.04 -10.12 -12.68
CA ALA B 72 -7.62 -9.86 -11.37
C ALA B 72 -7.55 -8.37 -11.05
N PRO B 73 -8.47 -7.87 -10.25
CA PRO B 73 -8.40 -6.47 -9.85
C PRO B 73 -7.20 -6.20 -8.96
N ILE B 74 -6.24 -5.44 -9.46
CA ILE B 74 -5.00 -5.19 -8.74
C ILE B 74 -5.24 -4.11 -7.70
N THR B 75 -4.79 -4.36 -6.48
CA THR B 75 -5.00 -3.43 -5.38
C THR B 75 -3.69 -2.90 -4.80
N ASN B 76 -2.76 -3.80 -4.53
CA ASN B 76 -1.45 -3.46 -3.96
C ASN B 76 -0.38 -4.06 -4.86
N PRO B 77 0.23 -3.27 -5.74
CA PRO B 77 1.18 -3.84 -6.70
C PRO B 77 2.52 -4.22 -6.09
N ASN B 78 2.85 -3.67 -4.93
CA ASN B 78 4.13 -3.95 -4.26
C ASN B 78 3.87 -4.42 -2.85
N GLY B 79 2.73 -5.09 -2.64
CA GLY B 79 2.45 -5.74 -1.37
C GLY B 79 2.06 -7.18 -1.60
N VAL B 80 2.11 -7.94 -0.50
CA VAL B 80 1.85 -9.38 -0.55
C VAL B 80 0.40 -9.64 -0.95
N LEU B 81 0.18 -10.76 -1.65
CA LEU B 81 -1.14 -11.31 -1.90
C LEU B 81 -1.32 -12.59 -1.08
N TYR B 82 -2.46 -12.72 -0.42
CA TYR B 82 -2.83 -13.96 0.25
C TYR B 82 -3.91 -14.65 -0.57
N VAL B 83 -3.72 -15.94 -0.83
CA VAL B 83 -4.68 -16.73 -1.59
C VAL B 83 -4.97 -18.00 -0.80
N VAL B 84 -6.24 -18.38 -0.75
CA VAL B 84 -6.69 -19.56 -0.02
C VAL B 84 -7.33 -20.51 -1.04
N LEU B 85 -6.82 -21.73 -1.07
CA LEU B 85 -7.08 -22.66 -2.17
C LEU B 85 -8.30 -23.51 -1.88
N PRO B 86 -8.79 -24.25 -2.87
CA PRO B 86 -10.05 -24.97 -2.71
C PRO B 86 -10.00 -25.91 -1.53
N PRO B 87 -11.13 -26.11 -0.84
CA PRO B 87 -11.13 -26.98 0.35
C PRO B 87 -10.79 -28.42 0.02
N ASP B 88 -10.86 -28.82 -1.25
CA ASP B 88 -10.47 -30.17 -1.60
C ASP B 88 -9.00 -30.44 -1.33
N LEU B 89 -8.19 -29.40 -1.17
CA LEU B 89 -6.74 -29.53 -1.15
C LEU B 89 -6.23 -29.45 0.28
N SER B 90 -5.63 -30.54 0.74
CA SER B 90 -4.99 -30.57 2.05
C SER B 90 -3.71 -29.74 2.03
N HIS B 91 -3.24 -29.37 3.22
CA HIS B 91 -2.07 -28.50 3.31
C HIS B 91 -0.83 -29.19 2.77
N ARG B 92 -0.67 -30.48 3.02
CA ARG B 92 0.46 -31.21 2.46
C ARG B 92 0.37 -31.26 0.94
N ALA B 93 -0.84 -31.40 0.41
CA ALA B 93 -1.01 -31.38 -1.04
C ALA B 93 -0.58 -30.05 -1.63
N ILE B 94 -0.94 -28.94 -0.98
CA ILE B 94 -0.53 -27.63 -1.49
C ILE B 94 0.98 -27.50 -1.44
N GLN B 95 1.59 -27.99 -0.36
CA GLN B 95 3.05 -27.93 -0.27
C GLN B 95 3.69 -28.73 -1.38
N ILE B 96 3.16 -29.93 -1.66
CA ILE B 96 3.71 -30.74 -2.75
C ILE B 96 3.56 -30.01 -4.07
N LEU B 97 2.39 -29.39 -4.30
CA LEU B 97 2.20 -28.69 -5.56
C LEU B 97 3.18 -27.53 -5.70
N VAL B 98 3.41 -26.79 -4.62
CA VAL B 98 4.36 -25.68 -4.70
C VAL B 98 5.76 -26.21 -4.99
N GLN B 99 6.16 -27.27 -4.30
CA GLN B 99 7.45 -27.89 -4.61
C GLN B 99 7.54 -28.26 -6.07
N TYR B 100 6.50 -28.93 -6.59
CA TYR B 100 6.49 -29.35 -7.98
C TYR B 100 6.57 -28.16 -8.92
N MET B 101 5.95 -27.05 -8.54
CA MET B 101 6.01 -25.85 -9.36
C MET B 101 7.37 -25.19 -9.29
N TYR B 102 8.15 -25.47 -8.24
CA TYR B 102 9.47 -24.86 -8.10
C TYR B 102 10.59 -25.75 -8.60
N SER B 103 10.50 -27.07 -8.41
CA SER B 103 11.47 -27.98 -8.98
C SER B 103 11.05 -28.56 -10.32
N GLY B 104 9.75 -28.75 -10.53
CA GLY B 104 9.28 -29.55 -11.63
C GLY B 104 9.38 -31.03 -11.37
N GLU B 105 9.68 -31.44 -10.14
CA GLU B 105 9.96 -32.84 -9.84
C GLU B 105 9.73 -33.05 -8.36
N ALA B 106 8.69 -33.82 -8.01
CA ALA B 106 8.32 -34.00 -6.62
C ALA B 106 7.91 -35.43 -6.35
N THR B 107 8.12 -35.87 -5.12
CA THR B 107 7.68 -37.16 -4.64
C THR B 107 6.49 -36.97 -3.72
N VAL B 108 5.49 -37.84 -3.85
CA VAL B 108 4.24 -37.69 -3.14
C VAL B 108 3.81 -39.03 -2.56
N SER B 109 3.30 -39.00 -1.33
CA SER B 109 2.87 -40.21 -0.68
C SER B 109 1.78 -40.90 -1.49
N ASN B 110 1.68 -42.22 -1.34
CA ASN B 110 0.69 -42.98 -2.09
C ASN B 110 -0.71 -42.52 -1.79
N ASP B 111 -0.92 -41.86 -0.65
CA ASP B 111 -2.25 -41.41 -0.22
C ASP B 111 -2.49 -39.94 -0.48
N ILE B 112 -1.64 -39.30 -1.27
CA ILE B 112 -1.81 -37.89 -1.59
C ILE B 112 -1.76 -37.71 -3.10
N LEU B 113 -1.25 -38.71 -3.81
CA LEU B 113 -1.18 -38.61 -5.26
C LEU B 113 -2.56 -38.39 -5.86
N ASN B 114 -3.55 -39.15 -5.41
CA ASN B 114 -4.89 -39.05 -5.99
C ASN B 114 -5.45 -37.65 -5.87
N GLU B 115 -5.04 -36.90 -4.85
CA GLU B 115 -5.56 -35.57 -4.62
C GLU B 115 -4.73 -34.50 -5.31
N VAL B 116 -3.40 -34.70 -5.32
CA VAL B 116 -2.53 -33.72 -5.97
C VAL B 116 -2.85 -33.65 -7.46
N LEU B 117 -3.19 -34.78 -8.07
CA LEU B 117 -3.57 -34.74 -9.48
C LEU B 117 -4.81 -33.88 -9.67
N ARG B 118 -5.81 -34.05 -8.81
CA ARG B 118 -7.02 -33.23 -8.93
C ARG B 118 -6.70 -31.76 -8.72
N GLY B 119 -5.87 -31.45 -7.72
CA GLY B 119 -5.47 -30.07 -7.51
C GLY B 119 -4.79 -29.49 -8.74
N GLY B 120 -3.84 -30.23 -9.31
CA GLY B 120 -3.18 -29.74 -10.50
C GLY B 120 -4.13 -29.54 -11.64
N GLU B 121 -5.10 -30.43 -11.80
CA GLU B 121 -6.08 -30.27 -12.87
C GLU B 121 -6.89 -29.01 -12.68
N ILE B 122 -7.37 -28.76 -11.45
CA ILE B 122 -8.17 -27.55 -11.22
C ILE B 122 -7.29 -26.32 -11.24
N LEU B 123 -6.04 -26.43 -10.83
CA LEU B 123 -5.11 -25.30 -10.89
C LEU B 123 -4.44 -25.16 -12.24
N LYS B 124 -4.74 -26.04 -13.18
CA LYS B 124 -4.15 -26.00 -14.51
C LYS B 124 -2.64 -25.81 -14.42
N ILE B 125 -2.01 -26.69 -13.65
CA ILE B 125 -0.55 -26.69 -13.55
C ILE B 125 0.01 -27.50 -14.72
N ARG B 126 0.96 -26.90 -15.44
CA ARG B 126 1.57 -27.60 -16.55
C ARG B 126 2.19 -28.89 -16.05
N GLY B 127 1.98 -29.97 -16.81
CA GLY B 127 2.37 -31.30 -16.40
C GLY B 127 1.30 -32.05 -15.66
N LEU B 128 0.31 -31.36 -15.10
CA LEU B 128 -0.80 -32.00 -14.41
C LEU B 128 -2.16 -31.75 -15.07
N CYS B 129 -2.22 -30.92 -16.11
CA CYS B 129 -3.48 -30.67 -16.79
C CYS B 129 -3.84 -31.83 -17.71
N ARG B 130 -5.15 -32.00 -17.91
CA ARG B 130 -5.61 -32.81 -19.03
C ARG B 130 -5.42 -32.05 -20.34
N THR B 131 -5.56 -30.73 -20.31
CA THR B 131 -5.43 -29.90 -21.49
C THR B 131 -3.98 -29.82 -21.93
N ASN C 3 -29.74 10.44 32.25
CA ASN C 3 -29.73 9.33 31.30
C ASN C 3 -30.74 9.58 30.19
N TYR C 4 -30.46 9.03 29.01
CA TYR C 4 -31.23 9.37 27.82
C TYR C 4 -31.11 8.23 26.82
N HIS C 5 -31.98 8.23 25.82
CA HIS C 5 -31.97 7.20 24.78
C HIS C 5 -32.08 7.84 23.42
N LEU C 6 -31.42 7.22 22.44
CA LEU C 6 -31.52 7.61 21.04
C LEU C 6 -32.27 6.54 20.27
N LYS C 7 -33.09 6.99 19.32
CA LYS C 7 -33.80 6.08 18.45
C LYS C 7 -33.60 6.50 17.00
N TRP C 8 -33.59 5.50 16.13
CA TRP C 8 -33.58 5.72 14.68
C TRP C 8 -34.38 4.58 14.10
N ASP C 9 -35.67 4.82 13.89
CA ASP C 9 -36.57 3.75 13.49
C ASP C 9 -36.33 3.30 12.07
N SER C 10 -35.90 4.21 11.20
CA SER C 10 -35.62 3.88 9.82
C SER C 10 -34.19 3.36 9.62
N HIS C 11 -33.55 2.88 10.68
CA HIS C 11 -32.17 2.43 10.54
C HIS C 11 -32.05 1.29 9.54
N LEU C 12 -32.80 0.21 9.76
CA LEU C 12 -32.62 -0.97 8.93
C LEU C 12 -32.95 -0.68 7.48
N THR C 13 -34.08 -0.04 7.23
CA THR C 13 -34.52 0.14 5.86
C THR C 13 -33.51 0.97 5.08
N TYR C 14 -33.06 2.07 5.67
CA TYR C 14 -31.98 2.83 5.04
C TYR C 14 -30.75 1.96 4.86
N LEU C 15 -30.35 1.26 5.92
CA LEU C 15 -29.13 0.45 5.83
C LEU C 15 -29.27 -0.63 4.78
N ASN C 16 -30.40 -1.33 4.74
CA ASN C 16 -30.55 -2.43 3.80
C ASN C 16 -30.37 -1.93 2.38
N SER C 17 -30.99 -0.80 2.05
CA SER C 17 -30.82 -0.24 0.72
C SER C 17 -29.35 0.04 0.44
N SER C 18 -28.62 0.52 1.45
CA SER C 18 -27.22 0.83 1.30
C SER C 18 -26.33 -0.41 1.31
N ILE C 19 -26.90 -1.61 1.42
CA ILE C 19 -26.14 -2.84 1.29
C ILE C 19 -26.50 -3.58 0.00
N ALA C 20 -27.76 -3.54 -0.41
CA ALA C 20 -28.10 -4.08 -1.72
C ALA C 20 -27.26 -3.41 -2.80
N THR C 21 -27.08 -2.10 -2.70
CA THR C 21 -26.26 -1.39 -3.68
C THR C 21 -24.85 -1.97 -3.76
N LEU C 22 -24.31 -2.41 -2.63
CA LEU C 22 -22.95 -2.93 -2.62
C LEU C 22 -22.81 -4.21 -3.42
N TYR C 23 -23.91 -4.87 -3.74
CA TYR C 23 -23.83 -6.06 -4.58
C TYR C 23 -23.22 -5.73 -5.94
N LYS C 24 -23.43 -4.51 -6.43
CA LYS C 24 -23.02 -4.18 -7.79
C LYS C 24 -21.58 -3.67 -7.88
N ASN C 25 -21.11 -2.94 -6.87
CA ASN C 25 -19.90 -2.14 -7.03
C ASN C 25 -18.86 -2.56 -6.00
N GLU C 26 -17.59 -2.39 -6.40
CA GLU C 26 -16.47 -2.86 -5.61
C GLU C 26 -16.24 -2.03 -4.36
N LYS C 27 -16.92 -0.89 -4.24
CA LYS C 27 -16.66 0.03 -3.14
C LYS C 27 -16.61 -0.72 -1.82
N PHE C 28 -15.46 -0.64 -1.14
CA PHE C 28 -15.21 -1.29 0.13
C PHE C 28 -15.00 -2.79 0.00
N ALA C 29 -14.76 -3.29 -1.21
CA ALA C 29 -14.55 -4.72 -1.39
C ALA C 29 -13.30 -5.17 -0.66
N ASP C 30 -13.35 -6.41 -0.16
CA ASP C 30 -12.29 -6.91 0.71
C ASP C 30 -11.76 -8.26 0.26
N VAL C 31 -12.57 -9.03 -0.47
CA VAL C 31 -12.17 -10.37 -0.89
C VAL C 31 -12.65 -10.59 -2.31
N VAL C 32 -11.93 -11.44 -3.04
CA VAL C 32 -12.21 -11.73 -4.44
C VAL C 32 -12.42 -13.23 -4.59
N LEU C 33 -13.53 -13.62 -5.19
CA LEU C 33 -13.89 -15.02 -5.36
C LEU C 33 -13.64 -15.42 -6.80
N TYR C 34 -12.88 -16.50 -6.99
CA TYR C 34 -12.57 -17.01 -8.32
C TYR C 34 -13.15 -18.40 -8.46
N SER C 35 -13.85 -18.63 -9.57
CA SER C 35 -14.27 -19.98 -9.89
C SER C 35 -13.07 -20.84 -10.27
N SER C 36 -13.26 -22.15 -10.18
CA SER C 36 -12.26 -23.12 -10.59
C SER C 36 -12.88 -24.18 -11.51
N TYR C 37 -13.95 -23.81 -12.19
CA TYR C 37 -14.89 -24.78 -12.74
C TYR C 37 -14.39 -25.50 -13.99
N ASN C 38 -13.22 -25.13 -14.52
CA ASN C 38 -12.80 -25.71 -15.79
C ASN C 38 -12.65 -27.23 -15.71
N SER C 39 -12.49 -27.79 -14.52
CA SER C 39 -12.45 -29.25 -14.41
C SER C 39 -13.67 -29.89 -15.06
N SER C 40 -14.75 -29.13 -15.23
CA SER C 40 -15.96 -29.64 -15.86
C SER C 40 -15.74 -30.05 -17.31
N GLY C 41 -14.56 -29.79 -17.88
CA GLY C 41 -14.27 -30.13 -19.25
C GLY C 41 -14.25 -28.97 -20.21
N ILE C 42 -14.32 -27.75 -19.71
CA ILE C 42 -14.40 -26.57 -20.58
C ILE C 42 -13.08 -26.41 -21.34
N PRO C 43 -13.10 -26.14 -22.65
CA PRO C 43 -11.82 -25.99 -23.38
C PRO C 43 -11.05 -24.75 -22.98
N SER C 44 -11.71 -23.71 -22.47
CA SER C 44 -11.07 -22.45 -22.18
C SER C 44 -9.85 -22.65 -21.27
N ASP C 45 -8.89 -21.73 -21.39
CA ASP C 45 -7.78 -21.70 -20.45
C ASP C 45 -8.27 -21.35 -19.05
N ILE C 46 -8.88 -20.17 -18.92
CA ILE C 46 -9.59 -19.76 -17.71
C ILE C 46 -10.72 -18.83 -18.15
N PRO C 47 -11.98 -19.15 -17.86
CA PRO C 47 -13.07 -18.27 -18.29
C PRO C 47 -13.35 -17.13 -17.31
N THR C 48 -12.92 -17.28 -16.07
CA THR C 48 -13.36 -16.41 -14.99
C THR C 48 -12.45 -15.19 -14.84
N VAL C 49 -13.03 -14.13 -14.30
CA VAL C 49 -12.30 -13.01 -13.72
C VAL C 49 -12.85 -12.81 -12.32
N GLY C 50 -11.97 -12.62 -11.35
CA GLY C 50 -12.35 -12.59 -9.95
C GLY C 50 -13.63 -11.83 -9.66
N ILE C 51 -14.54 -12.47 -8.92
CA ILE C 51 -15.75 -11.81 -8.45
C ILE C 51 -15.40 -11.01 -7.19
N SER C 52 -15.83 -9.75 -7.15
CA SER C 52 -15.58 -8.91 -5.99
C SER C 52 -16.66 -9.11 -4.94
N ALA C 53 -16.26 -9.07 -3.67
CA ALA C 53 -17.19 -9.26 -2.58
C ALA C 53 -16.68 -8.48 -1.36
N HIS C 54 -17.50 -8.44 -0.31
CA HIS C 54 -17.16 -7.77 0.94
C HIS C 54 -17.11 -8.79 2.05
N LYS C 55 -16.02 -8.76 2.82
CA LYS C 55 -15.76 -9.82 3.79
C LYS C 55 -16.87 -9.93 4.81
N PHE C 56 -17.29 -8.81 5.39
CA PHE C 56 -18.18 -8.89 6.54
C PHE C 56 -19.52 -9.52 6.16
N ILE C 57 -19.97 -9.28 4.92
CA ILE C 57 -21.25 -9.85 4.51
C ILE C 57 -21.17 -11.36 4.42
N LEU C 58 -20.12 -11.87 3.76
CA LEU C 58 -19.99 -13.31 3.59
C LEU C 58 -19.88 -14.00 4.94
N SER C 59 -19.11 -13.40 5.85
CA SER C 59 -19.03 -13.94 7.20
C SER C 59 -20.39 -13.94 7.88
N ALA C 60 -21.27 -13.01 7.50
CA ALA C 60 -22.59 -12.96 8.10
C ALA C 60 -23.45 -14.13 7.66
N SER C 61 -23.47 -14.40 6.35
CA SER C 61 -24.37 -15.41 5.81
C SER C 61 -23.79 -16.80 5.78
N SER C 62 -22.47 -16.95 5.69
CA SER C 62 -21.86 -18.23 5.41
C SER C 62 -21.06 -18.73 6.61
N GLN C 63 -21.38 -19.94 7.06
CA GLN C 63 -20.54 -20.57 8.08
C GLN C 63 -19.19 -20.95 7.50
N PHE C 64 -19.13 -21.22 6.20
CA PHE C 64 -17.86 -21.56 5.57
C PHE C 64 -16.93 -20.35 5.48
N PHE C 65 -17.46 -19.21 5.04
CA PHE C 65 -16.63 -18.01 4.95
C PHE C 65 -16.35 -17.44 6.32
N ALA C 66 -17.34 -17.46 7.22
CA ALA C 66 -17.18 -16.81 8.52
C ALA C 66 -16.04 -17.43 9.30
N THR C 67 -15.88 -18.75 9.21
CA THR C 67 -14.68 -19.37 9.76
C THR C 67 -13.44 -18.98 8.97
N MET C 68 -13.56 -18.94 7.64
CA MET C 68 -12.38 -18.80 6.80
C MET C 68 -11.71 -17.45 7.01
N PHE C 69 -12.47 -16.37 6.94
CA PHE C 69 -11.87 -15.05 7.10
C PHE C 69 -11.31 -14.85 8.50
N GLU C 70 -11.81 -15.60 9.48
CA GLU C 70 -11.19 -15.58 10.80
C GLU C 70 -9.87 -16.33 10.79
N THR C 71 -9.85 -17.51 10.16
CA THR C 71 -8.68 -18.38 10.18
C THR C 71 -7.59 -17.94 9.22
N ALA C 72 -7.92 -17.15 8.21
CA ALA C 72 -6.89 -16.55 7.36
C ALA C 72 -6.37 -15.33 8.10
N PRO C 73 -5.09 -15.31 8.50
CA PRO C 73 -4.63 -14.22 9.37
C PRO C 73 -4.46 -12.91 8.63
N ILE C 74 -4.04 -12.97 7.37
CA ILE C 74 -3.68 -11.77 6.64
C ILE C 74 -2.72 -10.96 7.48
N THR C 75 -1.58 -11.57 7.84
CA THR C 75 -0.63 -10.88 8.71
C THR C 75 -0.23 -9.52 8.17
N ASN C 76 -0.20 -9.38 6.85
CA ASN C 76 0.13 -8.10 6.24
C ASN C 76 -1.11 -7.20 6.28
N PRO C 77 -1.03 -6.02 6.93
CA PRO C 77 -2.22 -5.15 6.98
C PRO C 77 -2.53 -4.46 5.67
N ASN C 78 -1.61 -4.46 4.71
CA ASN C 78 -1.79 -3.80 3.42
C ASN C 78 -2.08 -4.78 2.29
N GLY C 79 -2.28 -6.06 2.60
CA GLY C 79 -2.64 -7.05 1.60
C GLY C 79 -4.15 -7.19 1.42
N VAL C 80 -4.52 -8.04 0.47
CA VAL C 80 -5.92 -8.36 0.18
C VAL C 80 -6.00 -9.85 -0.14
N LEU C 81 -7.22 -10.38 -0.11
CA LEU C 81 -7.45 -11.82 -0.14
C LEU C 81 -8.10 -12.24 -1.45
N TYR C 82 -7.50 -13.23 -2.11
CA TYR C 82 -8.09 -13.92 -3.24
C TYR C 82 -8.52 -15.30 -2.79
N VAL C 83 -9.75 -15.68 -3.10
CA VAL C 83 -10.31 -16.95 -2.66
C VAL C 83 -10.64 -17.79 -3.88
N VAL C 84 -10.07 -18.98 -3.95
CA VAL C 84 -10.39 -19.93 -5.01
C VAL C 84 -11.50 -20.84 -4.49
N LEU C 85 -12.70 -20.68 -5.05
CA LEU C 85 -13.82 -21.49 -4.63
C LEU C 85 -13.65 -22.92 -5.17
N PRO C 86 -14.41 -23.87 -4.63
CA PRO C 86 -14.18 -25.27 -4.99
C PRO C 86 -14.34 -25.50 -6.47
N PRO C 87 -13.96 -26.69 -6.95
CA PRO C 87 -14.14 -26.99 -8.38
C PRO C 87 -15.58 -26.91 -8.84
N ASP C 88 -16.54 -27.31 -8.00
CA ASP C 88 -17.90 -27.51 -8.47
C ASP C 88 -18.63 -26.23 -8.81
N LEU C 89 -18.11 -25.05 -8.46
CA LEU C 89 -18.87 -23.81 -8.53
C LEU C 89 -18.43 -22.96 -9.71
N SER C 90 -19.34 -22.78 -10.66
CA SER C 90 -19.09 -21.97 -11.84
C SER C 90 -19.26 -20.49 -11.51
N HIS C 91 -18.77 -19.66 -12.43
CA HIS C 91 -18.95 -18.21 -12.27
C HIS C 91 -20.43 -17.85 -12.17
N ARG C 92 -21.25 -18.38 -13.08
CA ARG C 92 -22.68 -18.10 -13.04
C ARG C 92 -23.26 -18.47 -11.68
N ALA C 93 -22.99 -19.69 -11.22
CA ALA C 93 -23.61 -20.17 -10.00
C ALA C 93 -23.22 -19.33 -8.80
N ILE C 94 -21.95 -18.91 -8.75
CA ILE C 94 -21.49 -18.16 -7.58
C ILE C 94 -22.13 -16.78 -7.52
N GLN C 95 -22.34 -16.16 -8.69
CA GLN C 95 -22.99 -14.86 -8.68
C GLN C 95 -24.41 -14.97 -8.15
N ILE C 96 -25.13 -16.03 -8.51
CA ILE C 96 -26.44 -16.26 -7.91
C ILE C 96 -26.30 -16.47 -6.41
N LEU C 97 -25.27 -17.21 -5.99
CA LEU C 97 -25.07 -17.44 -4.57
C LEU C 97 -24.76 -16.15 -3.83
N VAL C 98 -23.94 -15.28 -4.41
CA VAL C 98 -23.61 -14.03 -3.74
C VAL C 98 -24.81 -13.10 -3.73
N GLN C 99 -25.52 -13.00 -4.85
CA GLN C 99 -26.73 -12.18 -4.86
C GLN C 99 -27.68 -12.62 -3.76
N TYR C 100 -27.84 -13.93 -3.59
CA TYR C 100 -28.59 -14.44 -2.46
C TYR C 100 -27.96 -13.98 -1.15
N MET C 101 -26.64 -14.08 -1.05
CA MET C 101 -25.97 -13.67 0.19
C MET C 101 -26.13 -12.19 0.44
N TYR C 102 -26.05 -11.36 -0.60
CA TYR C 102 -26.08 -9.92 -0.44
C TYR C 102 -27.49 -9.36 -0.32
N SER C 103 -28.46 -9.99 -0.97
CA SER C 103 -29.78 -9.42 -1.13
C SER C 103 -30.89 -10.35 -0.67
N GLY C 104 -30.56 -11.52 -0.14
CA GLY C 104 -31.54 -12.39 0.47
C GLY C 104 -32.45 -13.12 -0.49
N GLU C 105 -32.52 -12.70 -1.75
CA GLU C 105 -33.37 -13.34 -2.74
C GLU C 105 -32.57 -13.53 -4.03
N ALA C 106 -32.87 -14.62 -4.73
CA ALA C 106 -32.25 -14.86 -6.02
C ALA C 106 -33.16 -15.79 -6.81
N THR C 107 -33.27 -15.51 -8.11
CA THR C 107 -34.03 -16.36 -9.01
C THR C 107 -33.05 -17.11 -9.90
N VAL C 108 -33.12 -18.43 -9.87
CA VAL C 108 -32.15 -19.30 -10.51
C VAL C 108 -32.84 -20.17 -11.54
N SER C 109 -32.20 -20.31 -12.69
CA SER C 109 -32.74 -21.16 -13.75
C SER C 109 -32.71 -22.62 -13.30
N ASN C 110 -33.69 -23.39 -13.77
CA ASN C 110 -33.79 -24.79 -13.36
C ASN C 110 -32.53 -25.59 -13.66
N ASP C 111 -31.76 -25.18 -14.67
CA ASP C 111 -30.57 -25.93 -15.03
C ASP C 111 -29.40 -25.64 -14.09
N ILE C 112 -29.30 -24.42 -13.59
CA ILE C 112 -28.29 -24.09 -12.60
C ILE C 112 -28.78 -24.38 -11.19
N LEU C 113 -30.06 -24.69 -11.03
CA LEU C 113 -30.62 -24.94 -9.71
C LEU C 113 -29.78 -25.96 -8.95
N ASN C 114 -29.42 -27.05 -9.60
CA ASN C 114 -28.63 -28.09 -8.96
C ASN C 114 -27.15 -27.75 -8.90
N GLU C 115 -26.76 -26.52 -9.24
CA GLU C 115 -25.43 -26.02 -8.92
C GLU C 115 -25.45 -24.92 -7.87
N VAL C 116 -26.51 -24.11 -7.84
CA VAL C 116 -26.66 -23.15 -6.75
C VAL C 116 -27.01 -23.87 -5.46
N LEU C 117 -27.95 -24.82 -5.52
CA LEU C 117 -28.31 -25.59 -4.34
C LEU C 117 -27.15 -26.42 -3.86
N ARG C 118 -26.41 -27.05 -4.78
CA ARG C 118 -25.23 -27.81 -4.40
C ARG C 118 -24.20 -26.91 -3.72
N GLY C 119 -23.97 -25.73 -4.29
CA GLY C 119 -23.03 -24.81 -3.69
C GLY C 119 -23.43 -24.42 -2.28
N GLY C 120 -24.72 -24.30 -2.03
CA GLY C 120 -25.17 -23.84 -0.73
C GLY C 120 -24.66 -24.72 0.40
N GLU C 121 -24.71 -26.04 0.21
CA GLU C 121 -24.17 -26.95 1.22
C GLU C 121 -22.65 -26.95 1.18
N ILE C 122 -22.07 -26.86 -0.02
CA ILE C 122 -20.62 -26.72 -0.14
C ILE C 122 -20.14 -25.47 0.57
N LEU C 123 -20.91 -24.39 0.50
CA LEU C 123 -20.56 -23.14 1.17
C LEU C 123 -21.36 -22.92 2.44
N LYS C 124 -22.19 -23.87 2.85
CA LYS C 124 -22.92 -23.81 4.11
C LYS C 124 -23.54 -22.43 4.30
N ILE C 125 -24.11 -21.91 3.23
CA ILE C 125 -24.80 -20.61 3.27
C ILE C 125 -26.21 -20.84 3.77
N ARG C 126 -26.59 -20.13 4.82
CA ARG C 126 -27.85 -20.40 5.48
C ARG C 126 -29.02 -20.17 4.52
N GLY C 127 -30.10 -20.92 4.75
CA GLY C 127 -31.21 -20.95 3.84
C GLY C 127 -31.02 -21.91 2.69
N LEU C 128 -29.79 -22.35 2.45
CA LEU C 128 -29.49 -23.40 1.49
C LEU C 128 -28.81 -24.59 2.14
N CYS C 129 -28.04 -24.35 3.20
CA CYS C 129 -27.41 -25.42 3.96
C CYS C 129 -28.44 -26.11 4.84
N ARG C 130 -28.20 -27.38 5.13
CA ARG C 130 -29.20 -28.24 5.74
C ARG C 130 -29.06 -28.33 7.26
N THR C 131 -28.23 -27.51 7.87
CA THR C 131 -28.17 -27.44 9.34
C THR C 131 -28.16 -26.00 9.82
N ALA D 1 -37.82 -24.90 -18.97
CA ALA D 1 -36.92 -24.15 -18.08
C ALA D 1 -37.72 -23.35 -17.07
N GLU D 2 -37.21 -23.26 -15.84
CA GLU D 2 -37.91 -22.58 -14.76
C GLU D 2 -36.98 -21.61 -14.06
N ASN D 3 -37.46 -20.38 -13.84
CA ASN D 3 -36.73 -19.38 -13.09
C ASN D 3 -37.24 -19.40 -11.65
N TYR D 4 -36.81 -20.42 -10.92
CA TYR D 4 -37.22 -20.58 -9.53
C TYR D 4 -36.65 -19.45 -8.67
N HIS D 5 -37.42 -19.02 -7.68
CA HIS D 5 -37.09 -17.86 -6.86
C HIS D 5 -36.74 -18.30 -5.45
N LEU D 6 -35.51 -17.99 -5.03
CA LEU D 6 -35.04 -18.34 -3.69
C LEU D 6 -35.36 -17.22 -2.70
N LYS D 7 -35.49 -17.59 -1.43
CA LYS D 7 -35.71 -16.61 -0.38
C LYS D 7 -35.64 -17.31 0.97
N TRP D 8 -35.36 -16.54 2.02
CA TRP D 8 -35.70 -16.92 3.38
C TRP D 8 -35.93 -15.64 4.17
N ASP D 9 -37.16 -15.42 4.59
CA ASP D 9 -37.59 -14.10 5.03
C ASP D 9 -36.82 -13.62 6.25
N SER D 10 -36.19 -14.52 6.99
CA SER D 10 -35.42 -14.14 8.17
C SER D 10 -34.04 -13.63 7.81
N HIS D 11 -33.66 -13.63 6.53
CA HIS D 11 -32.34 -13.18 6.14
C HIS D 11 -32.00 -11.84 6.74
N LEU D 12 -32.80 -10.81 6.41
CA LEU D 12 -32.42 -9.46 6.81
C LEU D 12 -32.27 -9.35 8.31
N THR D 13 -33.01 -10.16 9.07
CA THR D 13 -32.83 -10.17 10.51
C THR D 13 -31.41 -10.63 10.86
N TYR D 14 -30.95 -11.71 10.24
CA TYR D 14 -29.61 -12.18 10.54
C TYR D 14 -28.55 -11.21 10.04
N LEU D 15 -28.79 -10.55 8.91
CA LEU D 15 -27.85 -9.55 8.45
C LEU D 15 -27.70 -8.42 9.46
N ASN D 16 -28.84 -7.89 9.93
CA ASN D 16 -28.80 -6.84 10.94
C ASN D 16 -28.12 -7.31 12.21
N SER D 17 -28.43 -8.53 12.65
CA SER D 17 -27.81 -9.05 13.85
C SER D 17 -26.30 -9.14 13.70
N SER D 18 -25.84 -9.63 12.54
CA SER D 18 -24.41 -9.72 12.30
C SER D 18 -23.76 -8.35 12.31
N ILE D 19 -24.43 -7.35 11.75
CA ILE D 19 -23.89 -6.00 11.80
C ILE D 19 -23.80 -5.51 13.24
N ALA D 20 -24.85 -5.74 14.03
CA ALA D 20 -24.81 -5.33 15.42
C ALA D 20 -23.69 -6.03 16.18
N THR D 21 -23.44 -7.31 15.90
CA THR D 21 -22.31 -7.98 16.52
C THR D 21 -21.00 -7.43 15.99
N LEU D 22 -20.98 -7.04 14.71
CA LEU D 22 -19.78 -6.43 14.16
C LEU D 22 -19.33 -5.23 14.98
N TYR D 23 -20.27 -4.48 15.55
CA TYR D 23 -19.91 -3.25 16.24
C TYR D 23 -18.89 -3.50 17.34
N LYS D 24 -19.04 -4.60 18.08
CA LYS D 24 -18.21 -4.83 19.26
C LYS D 24 -17.10 -5.84 19.05
N ASN D 25 -17.13 -6.63 17.98
CA ASN D 25 -16.02 -7.54 17.67
C ASN D 25 -14.98 -6.90 16.78
N GLU D 26 -15.34 -5.88 16.01
CA GLU D 26 -14.40 -5.03 15.29
C GLU D 26 -13.59 -5.78 14.24
N LYS D 27 -14.06 -6.95 13.81
CA LYS D 27 -13.37 -7.66 12.76
C LYS D 27 -13.62 -7.01 11.41
N PHE D 28 -12.63 -7.10 10.52
CA PHE D 28 -12.75 -6.59 9.17
C PHE D 28 -12.84 -5.07 9.13
N ALA D 29 -12.63 -4.42 10.26
CA ALA D 29 -12.63 -2.97 10.29
C ALA D 29 -11.52 -2.43 9.40
N ASP D 30 -11.81 -1.30 8.75
CA ASP D 30 -10.89 -0.72 7.78
C ASP D 30 -10.67 0.77 7.96
N VAL D 31 -11.35 1.40 8.91
CA VAL D 31 -11.23 2.84 9.15
C VAL D 31 -11.21 3.06 10.64
N VAL D 32 -10.35 3.98 11.09
CA VAL D 32 -10.13 4.23 12.50
C VAL D 32 -10.41 5.70 12.77
N LEU D 33 -11.14 5.98 13.85
CA LEU D 33 -11.55 7.34 14.19
C LEU D 33 -10.75 7.84 15.38
N TYR D 34 -10.26 9.06 15.28
CA TYR D 34 -9.57 9.74 16.37
C TYR D 34 -10.32 11.01 16.71
N SER D 35 -10.13 11.50 17.93
CA SER D 35 -10.78 12.72 18.39
C SER D 35 -9.72 13.78 18.67
N SER D 36 -9.74 14.86 17.91
CA SER D 36 -8.74 15.91 18.08
C SER D 36 -8.91 16.57 19.43
N TYR D 37 -7.82 16.73 20.17
CA TYR D 37 -7.83 17.49 21.40
C TYR D 37 -6.40 17.83 21.81
N ASN D 38 -6.26 18.93 22.54
CA ASN D 38 -5.01 19.26 23.20
C ASN D 38 -4.88 18.59 24.56
N SER D 39 -5.92 17.88 25.01
CA SER D 39 -5.88 17.25 26.32
C SER D 39 -4.69 16.31 26.46
N SER D 40 -4.27 15.68 25.36
CA SER D 40 -3.23 14.67 25.39
C SER D 40 -1.84 15.25 25.15
N GLY D 41 -1.64 16.52 25.44
CA GLY D 41 -0.35 17.15 25.23
C GLY D 41 0.58 17.03 26.43
N ILE D 42 0.27 16.12 27.33
CA ILE D 42 1.02 15.97 28.58
C ILE D 42 1.49 14.53 28.73
N PRO D 43 2.52 14.27 29.54
CA PRO D 43 3.07 12.91 29.59
C PRO D 43 2.09 11.85 30.05
N SER D 44 1.02 12.23 30.73
CA SER D 44 0.15 11.23 31.36
C SER D 44 -0.47 10.30 30.34
N ASP D 45 -1.00 10.83 29.23
CA ASP D 45 -1.53 9.99 28.17
C ASP D 45 -1.44 10.77 26.86
N ILE D 46 -0.39 10.52 26.09
CA ILE D 46 -0.19 11.20 24.81
C ILE D 46 -1.04 10.54 23.72
N PRO D 47 -1.00 9.21 23.57
CA PRO D 47 -1.64 8.59 22.41
C PRO D 47 -3.13 8.37 22.64
N THR D 48 -3.94 8.91 21.75
CA THR D 48 -5.38 8.73 21.83
C THR D 48 -5.77 7.30 21.49
N VAL D 49 -6.83 6.82 22.12
CA VAL D 49 -7.37 5.49 21.85
C VAL D 49 -8.18 5.56 20.56
N GLY D 50 -7.59 5.08 19.47
CA GLY D 50 -8.24 5.17 18.17
C GLY D 50 -9.39 4.21 18.01
N ILE D 51 -10.58 4.73 17.74
CA ILE D 51 -11.78 3.92 17.63
C ILE D 51 -11.82 3.26 16.25
N SER D 52 -12.02 1.95 16.23
CA SER D 52 -12.19 1.24 14.98
C SER D 52 -13.63 1.36 14.50
N ALA D 53 -13.80 1.32 13.18
CA ALA D 53 -15.11 1.37 12.56
C ALA D 53 -15.01 0.77 11.16
N HIS D 54 -16.15 0.70 10.48
CA HIS D 54 -16.25 0.12 9.14
C HIS D 54 -16.63 1.18 8.13
N LYS D 55 -15.99 1.15 6.96
CA LYS D 55 -16.30 2.12 5.93
C LYS D 55 -17.77 2.09 5.53
N PHE D 56 -18.30 0.88 5.35
CA PHE D 56 -19.60 0.75 4.70
C PHE D 56 -20.73 1.26 5.56
N ILE D 57 -20.58 1.24 6.89
CA ILE D 57 -21.63 1.77 7.75
C ILE D 57 -21.58 3.29 7.76
N LEU D 58 -20.39 3.87 7.85
CA LEU D 58 -20.29 5.32 7.86
C LEU D 58 -20.98 5.92 6.63
N SER D 59 -20.67 5.39 5.45
CA SER D 59 -21.33 5.86 4.25
C SER D 59 -22.80 5.46 4.24
N ALA D 60 -23.14 4.35 4.89
CA ALA D 60 -24.54 3.95 4.97
C ALA D 60 -25.36 4.88 5.85
N SER D 61 -24.73 5.47 6.87
CA SER D 61 -25.46 6.34 7.79
C SER D 61 -25.14 7.81 7.61
N SER D 62 -23.88 8.16 7.36
CA SER D 62 -23.44 9.54 7.27
C SER D 62 -23.09 9.85 5.82
N GLN D 63 -23.76 10.85 5.25
CA GLN D 63 -23.40 11.25 3.90
C GLN D 63 -22.10 12.04 3.88
N PHE D 64 -21.70 12.59 5.02
CA PHE D 64 -20.40 13.25 5.10
C PHE D 64 -19.27 12.27 4.83
N PHE D 65 -19.24 11.15 5.54
CA PHE D 65 -18.27 10.11 5.22
C PHE D 65 -18.55 9.50 3.86
N ALA D 66 -19.82 9.49 3.44
CA ALA D 66 -20.13 8.97 2.11
C ALA D 66 -19.33 9.70 1.06
N THR D 67 -19.38 11.04 1.08
CA THR D 67 -18.53 11.80 0.16
C THR D 67 -17.05 11.60 0.47
N MET D 68 -16.69 11.61 1.76
CA MET D 68 -15.27 11.54 2.11
C MET D 68 -14.62 10.31 1.54
N PHE D 69 -15.40 9.26 1.28
CA PHE D 69 -14.86 8.06 0.64
C PHE D 69 -15.19 7.97 -0.85
N GLU D 70 -16.32 8.55 -1.28
CA GLU D 70 -16.66 8.51 -2.69
C GLU D 70 -15.65 9.28 -3.53
N THR D 71 -15.28 10.47 -3.07
CA THR D 71 -14.26 11.25 -3.75
C THR D 71 -13.32 11.86 -2.72
N ALA D 72 -12.03 11.69 -2.96
CA ALA D 72 -11.00 12.28 -2.13
C ALA D 72 -9.74 12.44 -2.97
N PRO D 73 -8.91 13.45 -2.68
CA PRO D 73 -7.72 13.66 -3.53
C PRO D 73 -6.76 12.48 -3.52
N ILE D 74 -6.65 11.77 -2.40
CA ILE D 74 -5.76 10.62 -2.31
C ILE D 74 -6.41 9.60 -1.39
N THR D 75 -6.03 8.34 -1.59
CA THR D 75 -6.66 7.21 -0.90
C THR D 75 -5.66 6.07 -0.81
N ASN D 76 -6.03 5.06 -0.03
CA ASN D 76 -5.23 3.84 0.04
C ASN D 76 -6.03 2.66 -0.50
N PRO D 77 -5.37 1.69 -1.12
CA PRO D 77 -6.11 0.54 -1.66
C PRO D 77 -6.75 -0.32 -0.58
N ASN D 78 -5.93 -0.76 0.39
CA ASN D 78 -6.34 -1.77 1.34
C ASN D 78 -5.98 -1.44 2.78
N GLY D 79 -5.02 -0.54 3.00
CA GLY D 79 -4.66 -0.18 4.35
C GLY D 79 -5.74 0.61 5.06
N VAL D 80 -5.75 0.48 6.39
CA VAL D 80 -6.73 1.19 7.20
C VAL D 80 -6.58 2.69 7.01
N LEU D 81 -7.72 3.38 6.94
CA LEU D 81 -7.79 4.81 6.70
C LEU D 81 -8.13 5.54 8.00
N TYR D 82 -7.34 6.55 8.35
CA TYR D 82 -7.40 7.18 9.66
C TYR D 82 -8.00 8.58 9.53
N VAL D 83 -8.95 8.90 10.40
CA VAL D 83 -9.59 10.20 10.41
C VAL D 83 -9.70 10.71 11.83
N VAL D 84 -9.49 12.02 12.01
CA VAL D 84 -9.59 12.68 13.30
C VAL D 84 -10.73 13.67 13.23
N LEU D 85 -11.69 13.53 14.12
CA LEU D 85 -12.89 14.37 14.12
C LEU D 85 -12.62 15.68 14.84
N PRO D 86 -13.47 16.69 14.64
CA PRO D 86 -13.18 18.01 15.20
C PRO D 86 -13.00 17.94 16.70
N PRO D 87 -12.50 19.01 17.32
CA PRO D 87 -12.31 19.00 18.77
C PRO D 87 -13.61 19.01 19.57
N ASP D 88 -14.76 19.21 18.92
CA ASP D 88 -16.01 19.28 19.65
C ASP D 88 -16.51 17.94 20.15
N LEU D 89 -15.90 16.82 19.76
CA LEU D 89 -16.37 15.49 20.12
C LEU D 89 -15.35 14.81 21.03
N SER D 90 -15.72 14.58 22.28
CA SER D 90 -14.83 13.84 23.16
C SER D 90 -14.93 12.35 22.84
N HIS D 91 -14.00 11.58 23.40
CA HIS D 91 -13.93 10.17 23.03
C HIS D 91 -15.26 9.46 23.30
N ARG D 92 -15.90 9.77 24.42
CA ARG D 92 -17.19 9.14 24.70
C ARG D 92 -18.21 9.49 23.64
N ALA D 93 -18.26 10.77 23.25
CA ALA D 93 -19.23 11.19 22.26
C ALA D 93 -19.02 10.50 20.92
N ILE D 94 -17.77 10.40 20.48
CA ILE D 94 -17.50 9.74 19.20
C ILE D 94 -17.84 8.27 19.29
N GLN D 95 -17.60 7.64 20.44
CA GLN D 95 -17.96 6.24 20.59
C GLN D 95 -19.46 6.05 20.50
N ILE D 96 -20.21 6.92 21.18
CA ILE D 96 -21.66 6.84 21.12
C ILE D 96 -22.14 7.04 19.69
N LEU D 97 -21.57 8.02 19.00
CA LEU D 97 -21.98 8.31 17.64
C LEU D 97 -21.69 7.12 16.73
N VAL D 98 -20.58 6.42 16.94
CA VAL D 98 -20.30 5.22 16.18
C VAL D 98 -21.36 4.16 16.48
N GLN D 99 -21.72 4.01 17.75
CA GLN D 99 -22.75 3.03 18.08
C GLN D 99 -24.05 3.34 17.35
N TYR D 100 -24.47 4.60 17.33
CA TYR D 100 -25.74 4.94 16.74
C TYR D 100 -25.78 4.57 15.27
N MET D 101 -24.73 4.88 14.53
CA MET D 101 -24.66 4.47 13.13
C MET D 101 -24.66 2.95 13.02
N TYR D 102 -23.96 2.27 13.94
CA TYR D 102 -23.79 0.83 13.82
C TYR D 102 -25.07 0.06 14.11
N SER D 103 -25.90 0.54 15.04
CA SER D 103 -27.07 -0.22 15.46
C SER D 103 -28.37 0.58 15.47
N GLY D 104 -28.34 1.89 15.25
CA GLY D 104 -29.56 2.66 15.22
C GLY D 104 -30.14 3.00 16.58
N GLU D 105 -29.41 2.78 17.66
CA GLU D 105 -29.89 3.13 18.99
C GLU D 105 -28.70 3.47 19.87
N ALA D 106 -28.97 4.21 20.95
CA ALA D 106 -27.92 4.57 21.88
C ALA D 106 -28.55 5.13 23.15
N THR D 107 -27.73 5.26 24.18
CA THR D 107 -28.13 5.90 25.43
C THR D 107 -27.03 6.86 25.84
N VAL D 108 -27.42 8.06 26.26
CA VAL D 108 -26.46 9.12 26.53
C VAL D 108 -26.85 9.86 27.81
N SER D 109 -25.84 10.19 28.60
CA SER D 109 -26.05 11.05 29.75
C SER D 109 -26.30 12.47 29.28
N ASN D 110 -27.08 13.22 30.06
CA ASN D 110 -27.44 14.55 29.63
C ASN D 110 -26.22 15.43 29.45
N ASP D 111 -25.15 15.16 30.20
CA ASP D 111 -23.90 15.88 29.97
C ASP D 111 -23.18 15.39 28.72
N ILE D 112 -23.57 14.23 28.19
CA ILE D 112 -23.08 13.78 26.89
C ILE D 112 -24.04 14.19 25.78
N LEU D 113 -25.30 14.44 26.12
CA LEU D 113 -26.35 14.60 25.12
C LEU D 113 -26.03 15.71 24.14
N ASN D 114 -25.74 16.90 24.66
CA ASN D 114 -25.59 18.07 23.79
C ASN D 114 -24.45 17.87 22.80
N GLU D 115 -23.32 17.35 23.29
CA GLU D 115 -22.17 17.16 22.41
C GLU D 115 -22.45 16.10 21.35
N VAL D 116 -23.15 15.03 21.72
CA VAL D 116 -23.46 14.00 20.74
C VAL D 116 -24.39 14.56 19.66
N LEU D 117 -25.42 15.31 20.07
CA LEU D 117 -26.33 15.87 19.09
C LEU D 117 -25.60 16.81 18.13
N ARG D 118 -24.76 17.69 18.67
CA ARG D 118 -24.01 18.62 17.83
C ARG D 118 -23.09 17.87 16.89
N GLY D 119 -22.35 16.89 17.40
CA GLY D 119 -21.43 16.14 16.55
C GLY D 119 -22.14 15.38 15.45
N GLY D 120 -23.25 14.73 15.80
CA GLY D 120 -24.03 14.05 14.79
C GLY D 120 -24.54 15.02 13.74
N GLU D 121 -24.96 16.21 14.17
CA GLU D 121 -25.38 17.22 13.21
C GLU D 121 -24.27 17.52 12.21
N ILE D 122 -23.06 17.75 12.72
CA ILE D 122 -21.96 18.09 11.82
C ILE D 122 -21.58 16.92 10.92
N LEU D 123 -21.74 15.70 11.40
CA LEU D 123 -21.36 14.53 10.62
C LEU D 123 -22.44 14.08 9.66
N LYS D 124 -23.51 14.86 9.50
CA LYS D 124 -24.51 14.58 8.48
C LYS D 124 -25.15 13.20 8.68
N ILE D 125 -25.19 12.72 9.91
CA ILE D 125 -25.62 11.36 10.18
C ILE D 125 -27.14 11.29 10.16
N ARG D 126 -27.67 10.35 9.39
CA ARG D 126 -29.12 10.19 9.27
C ARG D 126 -29.75 10.00 10.63
N GLY D 127 -30.86 10.68 10.86
CA GLY D 127 -31.60 10.58 12.09
C GLY D 127 -31.21 11.59 13.15
N LEU D 128 -29.96 12.07 13.11
CA LEU D 128 -29.54 13.20 13.92
C LEU D 128 -29.52 14.49 13.12
N CYS D 129 -28.92 14.46 11.93
CA CYS D 129 -28.87 15.65 11.10
C CYS D 129 -30.27 16.03 10.63
N ARG D 130 -30.51 17.33 10.58
CA ARG D 130 -31.86 17.85 10.34
C ARG D 130 -32.20 18.01 8.87
N THR D 131 -31.20 18.17 8.01
CA THR D 131 -31.47 18.34 6.57
C THR D 131 -30.25 17.96 5.73
N ALA E 1 42.27 15.65 11.25
CA ALA E 1 42.79 16.60 12.23
C ALA E 1 42.27 18.01 11.96
N GLU E 2 41.65 18.21 10.81
CA GLU E 2 41.09 19.50 10.43
C GLU E 2 39.71 19.29 9.80
N ASN E 3 38.87 20.32 9.89
CA ASN E 3 37.50 20.23 9.41
C ASN E 3 37.13 21.52 8.69
N TYR E 4 36.09 21.42 7.85
CA TYR E 4 35.63 22.54 7.05
C TYR E 4 34.11 22.60 7.05
N HIS E 5 33.59 23.83 7.04
CA HIS E 5 32.16 24.08 6.98
C HIS E 5 31.73 24.13 5.52
N LEU E 6 31.39 22.98 4.97
CA LEU E 6 30.83 22.93 3.62
C LEU E 6 29.44 23.55 3.65
N LYS E 7 29.27 24.68 2.97
CA LYS E 7 28.09 25.51 3.18
C LYS E 7 27.63 26.10 1.85
N TRP E 8 26.33 26.40 1.77
CA TRP E 8 25.75 27.05 0.62
C TRP E 8 25.04 28.31 1.07
N ASP E 9 25.26 29.41 0.32
CA ASP E 9 24.67 30.69 0.71
C ASP E 9 23.17 30.74 0.41
N SER E 10 22.75 30.16 -0.71
CA SER E 10 21.38 30.33 -1.18
C SER E 10 20.46 29.18 -0.80
N HIS E 11 20.87 28.30 0.11
CA HIS E 11 20.00 27.20 0.51
C HIS E 11 18.67 27.71 1.06
N LEU E 12 18.71 28.70 1.95
CA LEU E 12 17.48 29.17 2.56
C LEU E 12 16.53 29.74 1.52
N THR E 13 17.06 30.50 0.56
CA THR E 13 16.21 31.11 -0.45
C THR E 13 15.68 30.07 -1.43
N TYR E 14 16.52 29.13 -1.85
CA TYR E 14 16.06 28.09 -2.75
C TYR E 14 15.04 27.18 -2.09
N LEU E 15 15.26 26.84 -0.82
CA LEU E 15 14.36 25.88 -0.17
C LEU E 15 13.00 26.51 0.07
N ASN E 16 12.97 27.72 0.62
CA ASN E 16 11.69 28.39 0.83
C ASN E 16 10.94 28.51 -0.49
N SER E 17 11.65 28.80 -1.58
CA SER E 17 11.01 28.90 -2.88
C SER E 17 10.52 27.55 -3.37
N SER E 18 11.19 26.46 -2.98
CA SER E 18 10.75 25.14 -3.38
C SER E 18 9.66 24.57 -2.47
N ILE E 19 9.41 25.19 -1.33
CA ILE E 19 8.29 24.78 -0.48
C ILE E 19 7.02 25.53 -0.84
N ALA E 20 7.12 26.82 -1.15
CA ALA E 20 5.95 27.57 -1.57
C ALA E 20 5.27 26.98 -2.80
N THR E 21 5.93 26.06 -3.49
CA THR E 21 5.34 25.37 -4.62
C THR E 21 4.42 24.22 -4.22
N LEU E 22 4.45 23.81 -2.95
CA LEU E 22 3.77 22.58 -2.57
C LEU E 22 2.25 22.74 -2.53
N TYR E 23 1.74 23.63 -1.69
CA TYR E 23 0.30 23.66 -1.45
C TYR E 23 -0.48 23.84 -2.73
N LYS E 24 0.09 24.52 -3.71
CA LYS E 24 -0.51 24.60 -5.04
C LYS E 24 -0.21 23.37 -5.86
N ASN E 25 0.30 22.31 -5.24
CA ASN E 25 0.60 21.06 -5.92
C ASN E 25 0.27 19.90 -4.99
N GLU E 26 -0.09 18.78 -5.59
CA GLU E 26 -0.44 17.59 -4.83
C GLU E 26 0.77 16.81 -4.37
N LYS E 27 1.97 17.23 -4.78
CA LYS E 27 3.17 16.46 -4.54
C LYS E 27 3.41 16.20 -3.06
N PHE E 28 3.73 14.96 -2.72
CA PHE E 28 4.20 14.60 -1.39
C PHE E 28 3.20 14.98 -0.30
N ALA E 29 1.95 15.19 -0.64
CA ALA E 29 0.94 15.44 0.38
C ALA E 29 0.71 14.18 1.19
N ASP E 30 0.52 14.34 2.50
CA ASP E 30 0.28 13.19 3.35
C ASP E 30 -0.83 13.45 4.37
N VAL E 31 -1.63 14.50 4.19
CA VAL E 31 -2.82 14.71 5.01
C VAL E 31 -3.85 15.43 4.16
N VAL E 32 -5.13 15.13 4.41
CA VAL E 32 -6.24 15.69 3.65
C VAL E 32 -7.20 16.35 4.63
N LEU E 33 -7.58 17.59 4.33
CA LEU E 33 -8.40 18.39 5.22
C LEU E 33 -9.83 18.49 4.71
N TYR E 34 -10.79 18.39 5.62
CA TYR E 34 -12.20 18.49 5.30
C TYR E 34 -12.85 19.45 6.28
N SER E 35 -14.11 19.81 6.03
CA SER E 35 -14.83 20.66 6.97
C SER E 35 -16.32 20.64 6.65
N SER E 36 -17.12 21.11 7.61
CA SER E 36 -18.51 21.44 7.36
C SER E 36 -18.57 22.81 6.69
N TYR E 37 -19.07 22.84 5.46
CA TYR E 37 -18.75 23.91 4.53
C TYR E 37 -19.07 25.31 5.06
N ASN E 38 -20.16 25.47 5.81
CA ASN E 38 -20.68 26.79 6.13
C ASN E 38 -20.90 27.59 4.85
N SER E 39 -21.48 26.93 3.84
CA SER E 39 -21.65 27.57 2.53
C SER E 39 -22.81 28.56 2.52
N SER E 40 -23.85 28.32 3.32
CA SER E 40 -25.06 29.15 3.22
C SER E 40 -25.60 29.56 4.60
N GLY E 41 -24.75 29.69 5.61
CA GLY E 41 -25.22 29.87 6.96
C GLY E 41 -25.50 28.54 7.62
N ILE E 42 -26.05 27.61 6.85
CA ILE E 42 -26.19 26.22 7.26
C ILE E 42 -25.21 25.40 6.42
N PRO E 43 -24.24 24.72 7.03
CA PRO E 43 -23.21 24.03 6.23
C PRO E 43 -23.84 23.02 5.27
N SER E 44 -23.20 22.88 4.12
CA SER E 44 -23.55 21.85 3.14
C SER E 44 -22.42 20.81 3.15
N ASP E 45 -22.68 19.68 3.82
CA ASP E 45 -21.64 18.70 4.09
C ASP E 45 -21.44 17.71 2.95
N ILE E 46 -22.46 17.51 2.11
CA ILE E 46 -22.34 16.57 1.00
C ILE E 46 -21.23 16.96 0.03
N PRO E 47 -21.12 18.21 -0.42
CA PRO E 47 -20.18 18.53 -1.50
C PRO E 47 -18.75 18.80 -1.02
N THR E 48 -18.42 18.44 0.21
CA THR E 48 -17.09 18.77 0.75
C THR E 48 -15.99 18.17 -0.11
N VAL E 49 -14.91 18.92 -0.30
CA VAL E 49 -13.76 18.47 -1.08
C VAL E 49 -12.54 18.51 -0.19
N GLY E 50 -11.80 17.40 -0.17
CA GLY E 50 -10.59 17.35 0.65
C GLY E 50 -9.52 18.27 0.10
N ILE E 51 -8.71 18.81 1.01
CA ILE E 51 -7.60 19.68 0.66
C ILE E 51 -6.31 18.96 1.04
N SER E 52 -5.51 18.59 0.05
CA SER E 52 -4.24 17.96 0.35
C SER E 52 -3.30 18.94 1.05
N ALA E 53 -2.59 18.45 2.05
CA ALA E 53 -1.60 19.27 2.75
C ALA E 53 -0.46 18.35 3.18
N HIS E 54 0.53 18.94 3.84
CA HIS E 54 1.73 18.22 4.23
C HIS E 54 1.90 18.31 5.73
N LYS E 55 2.05 17.15 6.38
CA LYS E 55 2.23 17.13 7.82
C LYS E 55 3.39 18.02 8.26
N PHE E 56 4.51 17.93 7.55
CA PHE E 56 5.71 18.59 8.04
C PHE E 56 5.56 20.11 8.05
N ILE E 57 4.63 20.66 7.27
CA ILE E 57 4.40 22.10 7.28
C ILE E 57 3.35 22.49 8.31
N LEU E 58 2.24 21.76 8.36
CA LEU E 58 1.23 22.09 9.35
C LEU E 58 1.80 21.99 10.75
N SER E 59 2.58 20.94 11.02
CA SER E 59 3.04 20.70 12.37
C SER E 59 3.98 21.80 12.84
N ALA E 60 4.70 22.43 11.92
CA ALA E 60 5.58 23.53 12.29
C ALA E 60 4.84 24.86 12.33
N SER E 61 3.86 25.06 11.45
CA SER E 61 3.24 26.37 11.32
C SER E 61 2.06 26.60 12.26
N SER E 62 1.49 25.56 12.86
CA SER E 62 0.37 25.75 13.78
C SER E 62 0.43 24.68 14.86
N GLN E 63 0.06 25.07 16.08
CA GLN E 63 0.18 24.16 17.21
C GLN E 63 -0.92 23.12 17.25
N PHE E 64 -2.14 23.49 16.86
CA PHE E 64 -3.24 22.53 16.89
C PHE E 64 -2.91 21.32 16.03
N PHE E 65 -2.47 21.56 14.79
CA PHE E 65 -2.13 20.47 13.91
C PHE E 65 -0.94 19.67 14.41
N ALA E 66 0.01 20.33 15.08
CA ALA E 66 1.16 19.61 15.59
C ALA E 66 0.74 18.54 16.58
N THR E 67 -0.01 18.94 17.61
CA THR E 67 -0.46 17.97 18.59
C THR E 67 -1.44 16.98 17.99
N MET E 68 -2.18 17.39 16.95
CA MET E 68 -3.04 16.43 16.25
C MET E 68 -2.20 15.29 15.69
N PHE E 69 -1.28 15.62 14.80
CA PHE E 69 -0.48 14.58 14.16
C PHE E 69 0.43 13.87 15.13
N GLU E 70 0.74 14.50 16.27
CA GLU E 70 1.52 13.83 17.30
C GLU E 70 0.69 12.78 18.04
N THR E 71 -0.50 13.18 18.49
CA THR E 71 -1.33 12.33 19.34
C THR E 71 -2.34 11.51 18.56
N ALA E 72 -2.37 11.66 17.24
CA ALA E 72 -3.05 10.70 16.38
C ALA E 72 -1.97 9.94 15.62
N PRO E 73 -1.39 8.90 16.22
CA PRO E 73 -0.16 8.33 15.67
C PRO E 73 -0.38 7.59 14.37
N ILE E 74 0.66 7.60 13.54
CA ILE E 74 0.70 6.85 12.29
C ILE E 74 1.12 5.42 12.60
N THR E 75 0.14 4.51 12.63
CA THR E 75 0.39 3.12 12.98
C THR E 75 0.71 2.25 11.78
N ASN E 76 0.69 2.81 10.56
CA ASN E 76 1.04 2.07 9.36
C ASN E 76 1.68 3.02 8.35
N PRO E 77 2.71 2.59 7.63
CA PRO E 77 3.23 3.45 6.57
C PRO E 77 2.19 3.76 5.50
N ASN E 78 1.31 2.81 5.21
CA ASN E 78 0.28 2.99 4.19
C ASN E 78 -0.91 3.80 4.69
N GLY E 79 -0.95 4.16 5.96
CA GLY E 79 -2.07 4.96 6.46
C GLY E 79 -2.00 6.38 5.95
N VAL E 80 -3.13 6.89 5.47
CA VAL E 80 -3.28 8.28 5.05
C VAL E 80 -4.27 8.94 6.00
N LEU E 81 -3.88 10.10 6.54
CA LEU E 81 -4.64 10.76 7.59
C LEU E 81 -5.55 11.83 6.99
N TYR E 82 -6.84 11.75 7.32
CA TYR E 82 -7.82 12.78 6.97
C TYR E 82 -8.18 13.55 8.22
N VAL E 83 -8.32 14.85 8.10
CA VAL E 83 -8.66 15.72 9.23
C VAL E 83 -9.98 16.41 8.93
N VAL E 84 -10.94 16.24 9.83
CA VAL E 84 -12.21 16.94 9.75
C VAL E 84 -12.09 18.18 10.62
N LEU E 85 -11.87 19.32 9.99
CA LEU E 85 -11.63 20.55 10.73
C LEU E 85 -12.94 21.08 11.30
N PRO E 86 -12.86 21.93 12.32
CA PRO E 86 -14.07 22.42 12.98
C PRO E 86 -15.09 22.92 11.98
N PRO E 87 -16.37 22.94 12.36
CA PRO E 87 -17.40 23.43 11.43
C PRO E 87 -17.36 24.93 11.21
N ASP E 88 -16.75 25.71 12.10
CA ASP E 88 -16.73 27.15 11.93
C ASP E 88 -15.93 27.57 10.71
N LEU E 89 -15.09 26.69 10.19
CA LEU E 89 -14.15 27.01 9.13
C LEU E 89 -14.74 26.60 7.78
N SER E 90 -14.92 27.58 6.90
CA SER E 90 -15.39 27.28 5.56
C SER E 90 -14.28 26.63 4.76
N HIS E 91 -14.67 26.03 3.62
CA HIS E 91 -13.65 25.49 2.73
C HIS E 91 -12.70 26.57 2.25
N ARG E 92 -13.24 27.73 1.87
CA ARG E 92 -12.38 28.81 1.36
C ARG E 92 -11.42 29.29 2.44
N ALA E 93 -11.91 29.46 3.67
CA ALA E 93 -11.02 29.85 4.76
C ALA E 93 -9.93 28.81 4.95
N ILE E 94 -10.32 27.53 4.97
CA ILE E 94 -9.33 26.47 5.04
C ILE E 94 -8.43 26.49 3.80
N GLN E 95 -9.00 26.86 2.66
CA GLN E 95 -8.19 26.97 1.45
C GLN E 95 -7.06 27.97 1.65
N ILE E 96 -7.36 29.10 2.29
CA ILE E 96 -6.35 30.13 2.48
C ILE E 96 -5.37 29.75 3.57
N LEU E 97 -5.86 29.29 4.71
CA LEU E 97 -4.96 28.87 5.77
C LEU E 97 -4.01 27.78 5.28
N VAL E 98 -4.47 26.93 4.36
CA VAL E 98 -3.54 25.97 3.77
C VAL E 98 -2.46 26.70 3.00
N GLN E 99 -2.76 27.87 2.47
CA GLN E 99 -1.71 28.69 1.84
C GLN E 99 -0.88 29.41 2.89
N TYR E 100 -1.53 29.94 3.91
CA TYR E 100 -0.84 30.78 4.88
C TYR E 100 0.33 30.05 5.51
N MET E 101 0.13 28.77 5.85
CA MET E 101 1.20 28.01 6.48
C MET E 101 2.36 27.75 5.53
N TYR E 102 2.13 27.80 4.22
CA TYR E 102 3.19 27.62 3.24
C TYR E 102 3.79 28.93 2.78
N SER E 103 2.97 29.80 2.18
CA SER E 103 3.49 31.00 1.55
C SER E 103 3.77 32.10 2.56
N GLY E 104 3.27 31.98 3.78
CA GLY E 104 3.49 33.02 4.76
C GLY E 104 2.82 34.32 4.44
N GLU E 105 1.94 34.35 3.44
CA GLU E 105 1.26 35.57 3.05
C GLU E 105 -0.06 35.20 2.41
N ALA E 106 -1.08 36.01 2.68
CA ALA E 106 -2.39 35.75 2.12
C ALA E 106 -3.14 37.07 1.98
N THR E 107 -4.06 37.09 1.03
CA THR E 107 -4.97 38.20 0.81
C THR E 107 -6.37 37.65 0.78
N VAL E 108 -7.27 38.26 1.52
CA VAL E 108 -8.59 37.68 1.76
C VAL E 108 -9.66 38.75 1.55
N SER E 109 -10.85 38.28 1.22
CA SER E 109 -12.00 39.15 1.09
C SER E 109 -12.56 39.45 2.45
N ASN E 110 -12.88 40.73 2.69
CA ASN E 110 -13.23 41.13 4.04
C ASN E 110 -14.39 40.31 4.58
N ASP E 111 -15.24 39.79 3.69
CA ASP E 111 -16.40 39.04 4.12
C ASP E 111 -16.04 37.71 4.79
N ILE E 112 -14.82 37.23 4.59
CA ILE E 112 -14.36 36.05 5.32
C ILE E 112 -13.32 36.41 6.36
N LEU E 113 -12.70 37.59 6.29
CA LEU E 113 -11.59 37.89 7.19
C LEU E 113 -11.95 37.60 8.64
N ASN E 114 -13.18 37.89 9.03
CA ASN E 114 -13.56 37.69 10.43
C ASN E 114 -13.77 36.21 10.76
N GLU E 115 -13.89 35.35 9.75
CA GLU E 115 -13.92 33.91 10.02
C GLU E 115 -12.53 33.30 9.88
N VAL E 116 -11.71 33.83 8.99
CA VAL E 116 -10.34 33.33 8.82
C VAL E 116 -9.48 33.70 10.02
N LEU E 117 -9.63 34.91 10.54
CA LEU E 117 -8.88 35.28 11.73
C LEU E 117 -9.30 34.41 12.91
N ARG E 118 -10.60 34.15 13.05
CA ARG E 118 -11.04 33.22 14.07
C ARG E 118 -10.46 31.84 13.84
N GLY E 119 -10.40 31.40 12.58
CA GLY E 119 -9.77 30.13 12.29
C GLY E 119 -8.32 30.10 12.72
N GLY E 120 -7.60 31.18 12.50
CA GLY E 120 -6.23 31.26 12.98
C GLY E 120 -6.18 31.16 14.49
N GLU E 121 -7.10 31.83 15.18
CA GLU E 121 -7.15 31.72 16.63
C GLU E 121 -7.43 30.29 17.07
N ILE E 122 -8.25 29.56 16.31
CA ILE E 122 -8.59 28.19 16.67
C ILE E 122 -7.39 27.28 16.47
N LEU E 123 -6.90 27.20 15.22
CA LEU E 123 -5.81 26.30 14.89
C LEU E 123 -4.48 26.76 15.47
N LYS E 124 -4.45 27.89 16.19
CA LYS E 124 -3.25 28.35 16.87
C LYS E 124 -2.09 28.51 15.88
N ILE E 125 -2.38 29.13 14.76
CA ILE E 125 -1.38 29.33 13.72
C ILE E 125 -0.45 30.47 14.14
N ARG E 126 0.82 30.34 13.81
CA ARG E 126 1.77 31.40 14.08
C ARG E 126 1.25 32.72 13.50
N GLY E 127 1.58 33.81 14.16
CA GLY E 127 1.18 35.12 13.66
C GLY E 127 -0.27 35.48 13.89
N LEU E 128 -1.18 34.56 13.56
CA LEU E 128 -2.60 34.84 13.77
C LEU E 128 -2.99 34.67 15.23
N CYS E 129 -2.60 33.55 15.83
CA CYS E 129 -3.03 33.24 17.18
C CYS E 129 -2.14 33.90 18.21
N ARG E 130 -2.68 34.05 19.41
CA ARG E 130 -1.91 34.52 20.56
C ARG E 130 -1.26 33.34 21.28
N THR E 131 -0.17 33.63 21.97
CA THR E 131 0.54 32.61 22.74
C THR E 131 1.27 33.23 23.93
N GLU F 2 -14.46 44.72 1.10
CA GLU F 2 -13.18 45.17 0.58
C GLU F 2 -12.16 44.03 0.57
N ASN F 3 -11.21 44.11 -0.35
CA ASN F 3 -10.12 43.15 -0.38
C ASN F 3 -9.15 43.45 0.77
N TYR F 4 -8.45 42.42 1.23
CA TYR F 4 -7.61 42.54 2.40
C TYR F 4 -6.31 41.79 2.17
N HIS F 5 -5.32 42.08 3.01
CA HIS F 5 -4.00 41.47 2.93
C HIS F 5 -3.55 41.03 4.32
N LEU F 6 -2.93 39.86 4.38
CA LEU F 6 -2.34 39.33 5.60
C LEU F 6 -0.94 38.83 5.30
N LYS F 7 -0.06 38.95 6.29
CA LYS F 7 1.32 38.50 6.15
C LYS F 7 1.87 38.15 7.52
N TRP F 8 2.86 37.27 7.55
CA TRP F 8 3.56 36.91 8.77
C TRP F 8 5.04 37.18 8.58
N ASP F 9 5.59 38.06 9.41
CA ASP F 9 6.97 38.49 9.23
C ASP F 9 7.96 37.38 9.55
N SER F 10 7.85 36.79 10.73
CA SER F 10 8.81 35.80 11.18
C SER F 10 8.48 34.41 10.66
N HIS F 11 7.66 34.32 9.61
CA HIS F 11 7.33 33.05 9.01
C HIS F 11 8.58 32.28 8.60
N LEU F 12 9.49 32.96 7.90
CA LEU F 12 10.61 32.27 7.28
C LEU F 12 11.54 31.67 8.33
N THR F 13 11.90 32.44 9.35
CA THR F 13 12.85 31.93 10.33
C THR F 13 12.29 30.74 11.07
N TYR F 14 11.05 30.84 11.56
CA TYR F 14 10.45 29.72 12.25
C TYR F 14 10.38 28.49 11.36
N LEU F 15 9.95 28.68 10.11
CA LEU F 15 9.83 27.54 9.21
C LEU F 15 11.18 26.87 9.00
N ASN F 16 12.19 27.65 8.62
CA ASN F 16 13.48 27.07 8.28
C ASN F 16 14.12 26.42 9.50
N SER F 17 13.95 27.02 10.68
CA SER F 17 14.50 26.40 11.88
C SER F 17 13.77 25.11 12.21
N SER F 18 12.46 25.05 12.00
CA SER F 18 11.75 23.79 12.20
C SER F 18 12.27 22.74 11.23
N ILE F 19 12.56 23.15 9.99
CA ILE F 19 13.12 22.21 9.02
C ILE F 19 14.47 21.69 9.50
N ALA F 20 15.31 22.57 10.03
CA ALA F 20 16.63 22.13 10.46
C ALA F 20 16.53 21.02 11.51
N THR F 21 15.58 21.14 12.44
CA THR F 21 15.42 20.09 13.44
C THR F 21 14.74 18.86 12.87
N LEU F 22 14.20 18.96 11.65
CA LEU F 22 13.30 17.92 11.15
C LEU F 22 13.99 16.58 11.05
N TYR F 23 15.19 16.54 10.48
CA TYR F 23 15.84 15.25 10.27
C TYR F 23 16.31 14.65 11.58
N LYS F 24 16.55 15.49 12.59
CA LYS F 24 16.94 14.95 13.90
C LYS F 24 15.78 14.24 14.58
N ASN F 25 14.66 14.94 14.75
CA ASN F 25 13.50 14.30 15.37
C ASN F 25 12.86 13.26 14.45
N GLU F 26 13.12 13.32 13.14
CA GLU F 26 12.73 12.30 12.19
C GLU F 26 11.22 12.24 11.98
N LYS F 27 10.47 13.20 12.50
CA LYS F 27 9.02 13.16 12.42
C LYS F 27 8.57 13.22 10.97
N PHE F 28 7.61 12.36 10.62
CA PHE F 28 7.05 12.29 9.27
C PHE F 28 8.05 11.83 8.23
N ALA F 29 9.11 11.14 8.63
CA ALA F 29 10.07 10.65 7.66
C ALA F 29 9.43 9.63 6.74
N ASP F 30 9.74 9.72 5.45
CA ASP F 30 9.19 8.77 4.49
C ASP F 30 10.20 8.30 3.45
N VAL F 31 11.50 8.48 3.69
CA VAL F 31 12.53 7.91 2.84
C VAL F 31 13.64 7.38 3.72
N VAL F 32 14.20 6.24 3.35
CA VAL F 32 15.31 5.61 4.05
C VAL F 32 16.43 5.39 3.05
N LEU F 33 17.61 5.90 3.35
CA LEU F 33 18.75 5.86 2.43
C LEU F 33 19.77 4.85 2.93
N TYR F 34 19.66 3.62 2.45
CA TYR F 34 20.68 2.63 2.77
C TYR F 34 21.98 2.95 2.04
N SER F 35 23.09 2.57 2.67
CA SER F 35 24.43 2.90 2.19
C SER F 35 25.19 1.60 1.98
N SER F 36 25.30 1.18 0.71
CA SER F 36 25.99 -0.05 0.36
C SER F 36 27.49 0.14 0.23
N TYR F 37 28.15 0.68 1.25
CA TYR F 37 29.58 0.98 1.14
C TYR F 37 30.42 -0.28 1.01
N ASN F 38 29.94 -1.41 1.51
CA ASN F 38 30.59 -2.69 1.26
C ASN F 38 32.06 -2.65 1.63
N SER F 39 32.36 -2.05 2.78
CA SER F 39 33.74 -1.84 3.18
C SER F 39 34.47 -3.17 3.29
N SER F 40 35.49 -3.37 2.46
CA SER F 40 36.36 -4.54 2.49
C SER F 40 35.62 -5.84 2.22
N GLY F 41 34.35 -5.76 1.81
CA GLY F 41 33.54 -6.94 1.59
C GLY F 41 32.66 -7.22 2.78
N ILE F 42 31.37 -6.93 2.65
CA ILE F 42 30.41 -7.28 3.70
C ILE F 42 29.98 -8.74 3.52
N PRO F 43 30.10 -9.59 4.54
CA PRO F 43 29.57 -10.96 4.40
C PRO F 43 28.08 -11.03 4.71
N SER F 44 27.31 -10.11 4.12
CA SER F 44 25.87 -10.02 4.40
C SER F 44 25.61 -9.94 5.90
N ASP F 45 26.35 -9.06 6.56
CA ASP F 45 26.24 -8.87 8.00
C ASP F 45 24.95 -8.10 8.31
N ILE F 46 24.77 -7.74 9.58
CA ILE F 46 23.60 -7.01 10.05
C ILE F 46 23.30 -5.83 9.13
N PRO F 47 22.04 -5.41 9.03
CA PRO F 47 21.70 -4.34 8.09
C PRO F 47 22.41 -3.03 8.40
N THR F 48 22.64 -2.26 7.34
CA THR F 48 23.42 -1.02 7.43
C THR F 48 22.65 0.11 8.10
N VAL F 49 21.35 -0.05 8.34
CA VAL F 49 20.58 1.00 9.00
C VAL F 49 20.68 2.29 8.19
N GLY F 50 19.91 2.38 7.12
CA GLY F 50 19.97 3.54 6.26
C GLY F 50 19.44 4.79 6.95
N ILE F 51 19.77 5.94 6.36
CA ILE F 51 19.41 7.22 6.95
C ILE F 51 17.98 7.58 6.57
N SER F 52 17.20 8.01 7.55
CA SER F 52 15.88 8.56 7.27
C SER F 52 16.01 9.92 6.58
N ALA F 53 15.09 10.22 5.67
CA ALA F 53 15.06 11.51 5.01
C ALA F 53 13.64 11.77 4.52
N HIS F 54 13.42 12.97 4.00
CA HIS F 54 12.11 13.41 3.53
C HIS F 54 12.19 13.74 2.06
N LYS F 55 11.12 13.39 1.33
CA LYS F 55 11.12 13.58 -0.11
C LYS F 55 11.15 15.05 -0.50
N PHE F 56 10.38 15.89 0.17
CA PHE F 56 10.24 17.27 -0.28
C PHE F 56 11.59 17.99 -0.22
N ILE F 57 12.34 17.80 0.85
CA ILE F 57 13.64 18.47 0.97
C ILE F 57 14.64 17.88 -0.02
N LEU F 58 14.64 16.56 -0.17
CA LEU F 58 15.53 15.94 -1.14
C LEU F 58 15.30 16.53 -2.52
N SER F 59 14.05 16.52 -2.98
CA SER F 59 13.74 17.01 -4.31
C SER F 59 13.98 18.50 -4.44
N ALA F 60 13.79 19.26 -3.35
CA ALA F 60 14.13 20.68 -3.39
C ALA F 60 15.62 20.92 -3.41
N SER F 61 16.44 19.92 -3.09
CA SER F 61 17.89 20.09 -3.07
C SER F 61 18.60 19.25 -4.12
N SER F 62 18.23 17.99 -4.30
CA SER F 62 18.91 17.12 -5.24
C SER F 62 18.15 17.07 -6.55
N GLN F 63 18.75 17.61 -7.60
CA GLN F 63 18.12 17.58 -8.93
C GLN F 63 17.90 16.15 -9.40
N PHE F 64 18.60 15.18 -8.82
CA PHE F 64 18.42 13.78 -9.18
C PHE F 64 17.34 13.10 -8.34
N PHE F 65 17.36 13.32 -7.03
CA PHE F 65 16.31 12.76 -6.19
C PHE F 65 14.93 13.24 -6.62
N ALA F 66 14.84 14.49 -7.06
CA ALA F 66 13.57 15.00 -7.54
C ALA F 66 13.03 14.13 -8.66
N THR F 67 13.85 13.91 -9.69
CA THR F 67 13.40 13.09 -10.81
C THR F 67 13.08 11.67 -10.35
N MET F 68 13.94 11.09 -9.50
CA MET F 68 13.66 9.75 -9.00
C MET F 68 12.28 9.67 -8.37
N PHE F 69 11.93 10.66 -7.55
CA PHE F 69 10.68 10.59 -6.81
C PHE F 69 9.47 10.93 -7.67
N GLU F 70 9.64 11.81 -8.66
CA GLU F 70 8.49 12.29 -9.40
C GLU F 70 8.04 11.33 -10.48
N THR F 71 8.91 10.44 -10.95
CA THR F 71 8.61 9.68 -12.16
C THR F 71 9.04 8.22 -12.11
N ALA F 72 9.20 7.64 -10.93
CA ALA F 72 9.66 6.25 -10.84
C ALA F 72 8.72 5.35 -11.63
N PRO F 73 9.21 4.53 -12.57
CA PRO F 73 8.29 3.71 -13.37
C PRO F 73 7.35 2.86 -12.55
N ILE F 74 7.82 2.32 -11.43
CA ILE F 74 6.96 1.69 -10.43
C ILE F 74 7.27 2.34 -9.10
N THR F 75 6.23 2.64 -8.33
CA THR F 75 6.38 3.47 -7.14
C THR F 75 5.56 2.90 -6.00
N ASN F 76 6.03 3.18 -4.79
CA ASN F 76 5.22 2.97 -3.61
C ASN F 76 4.20 4.10 -3.49
N PRO F 77 2.90 3.82 -3.40
CA PRO F 77 1.92 4.92 -3.48
C PRO F 77 1.94 5.82 -2.26
N ASN F 78 2.21 5.29 -1.08
CA ASN F 78 2.12 6.07 0.14
C ASN F 78 3.09 5.50 1.18
N GLY F 79 3.61 6.37 2.00
CA GLY F 79 4.47 5.96 3.09
C GLY F 79 5.91 5.69 2.68
N VAL F 80 6.66 5.18 3.67
CA VAL F 80 8.10 5.14 3.61
C VAL F 80 8.56 4.50 2.31
N LEU F 81 9.66 5.02 1.77
CA LEU F 81 10.27 4.52 0.55
C LEU F 81 11.75 4.31 0.78
N TYR F 82 12.33 3.35 0.08
CA TYR F 82 13.67 2.85 0.39
C TYR F 82 14.60 3.05 -0.79
N VAL F 83 15.72 3.75 -0.55
CA VAL F 83 16.75 4.00 -1.55
C VAL F 83 18.06 3.43 -1.01
N VAL F 84 18.88 2.87 -1.89
CA VAL F 84 20.20 2.40 -1.53
C VAL F 84 21.20 3.05 -2.48
N LEU F 85 22.22 3.64 -1.94
CA LEU F 85 23.07 4.53 -2.69
C LEU F 85 24.31 3.81 -3.20
N PRO F 86 25.04 4.42 -4.14
CA PRO F 86 26.15 3.73 -4.76
C PRO F 86 27.18 3.31 -3.72
N PRO F 87 28.02 2.32 -4.03
CA PRO F 87 29.06 1.89 -3.09
C PRO F 87 30.05 3.00 -2.78
N ASP F 88 30.09 4.04 -3.61
CA ASP F 88 31.06 5.10 -3.41
C ASP F 88 30.87 5.78 -2.06
N LEU F 89 29.65 5.80 -1.52
CA LEU F 89 29.28 6.69 -0.42
C LEU F 89 29.03 5.89 0.84
N SER F 90 29.81 6.18 1.87
CA SER F 90 29.70 5.50 3.15
C SER F 90 28.50 6.01 3.93
N HIS F 91 28.20 5.33 5.03
CA HIS F 91 27.10 5.75 5.89
C HIS F 91 27.38 7.11 6.50
N ARG F 92 28.64 7.37 6.88
CA ARG F 92 28.99 8.66 7.45
C ARG F 92 28.83 9.78 6.43
N ALA F 93 29.27 9.56 5.20
CA ALA F 93 29.17 10.59 4.18
C ALA F 93 27.71 10.91 3.89
N ILE F 94 26.91 9.89 3.59
CA ILE F 94 25.51 10.12 3.30
C ILE F 94 24.85 10.84 4.47
N GLN F 95 25.26 10.49 5.68
CA GLN F 95 24.72 11.16 6.86
C GLN F 95 25.08 12.65 6.86
N ILE F 96 26.34 12.97 6.55
CA ILE F 96 26.73 14.37 6.43
C ILE F 96 26.06 15.00 5.23
N LEU F 97 26.05 14.29 4.11
CA LEU F 97 25.49 14.87 2.89
C LEU F 97 24.00 15.17 3.05
N VAL F 98 23.29 14.40 3.87
CA VAL F 98 21.89 14.70 4.13
C VAL F 98 21.77 15.94 5.01
N GLN F 99 22.50 15.98 6.12
CA GLN F 99 22.43 17.14 7.00
C GLN F 99 22.69 18.41 6.22
N TYR F 100 23.60 18.35 5.26
CA TYR F 100 23.88 19.52 4.43
C TYR F 100 22.65 19.96 3.67
N MET F 101 21.93 19.02 3.05
CA MET F 101 20.75 19.39 2.28
C MET F 101 19.66 19.98 3.17
N TYR F 102 19.56 19.52 4.42
CA TYR F 102 18.55 20.03 5.33
C TYR F 102 18.90 21.40 5.87
N SER F 103 20.17 21.61 6.25
CA SER F 103 20.57 22.81 6.98
C SER F 103 21.48 23.72 6.17
N GLY F 104 21.91 23.30 4.99
CA GLY F 104 22.77 24.13 4.17
C GLY F 104 24.22 24.17 4.61
N GLU F 105 24.58 23.53 5.72
CA GLU F 105 25.97 23.51 6.14
C GLU F 105 26.24 22.27 6.98
N ALA F 106 27.39 21.65 6.72
CA ALA F 106 27.83 20.49 7.49
C ALA F 106 29.34 20.56 7.64
N THR F 107 29.81 20.41 8.88
CA THR F 107 31.23 20.61 9.20
C THR F 107 32.03 19.36 8.81
N VAL F 108 32.07 19.10 7.51
CA VAL F 108 32.68 17.89 7.01
C VAL F 108 34.15 17.82 7.44
N SER F 109 34.62 16.60 7.67
CA SER F 109 36.03 16.38 7.95
C SER F 109 36.83 16.35 6.66
N ASN F 110 38.07 16.84 6.75
CA ASN F 110 38.94 16.81 5.58
C ASN F 110 39.20 15.38 5.11
N ASP F 111 39.23 14.43 6.05
CA ASP F 111 39.58 13.05 5.72
C ASP F 111 38.57 12.36 4.84
N ILE F 112 37.34 12.87 4.78
CA ILE F 112 36.32 12.30 3.90
C ILE F 112 35.76 13.41 3.02
N LEU F 113 36.49 14.52 2.93
CA LEU F 113 36.03 15.62 2.11
C LEU F 113 35.92 15.20 0.66
N ASN F 114 36.87 14.38 0.19
CA ASN F 114 36.86 13.99 -1.22
C ASN F 114 35.75 12.99 -1.53
N GLU F 115 35.21 12.32 -0.53
CA GLU F 115 34.07 11.45 -0.78
C GLU F 115 32.76 12.22 -0.81
N VAL F 116 32.61 13.21 0.09
CA VAL F 116 31.43 14.06 0.06
C VAL F 116 31.39 14.87 -1.23
N LEU F 117 32.53 15.43 -1.63
CA LEU F 117 32.55 16.27 -2.83
C LEU F 117 32.22 15.48 -4.08
N ARG F 118 32.69 14.23 -4.18
CA ARG F 118 32.28 13.38 -5.30
C ARG F 118 30.80 13.06 -5.21
N GLY F 119 30.34 12.71 -4.00
CA GLY F 119 28.95 12.32 -3.84
C GLY F 119 27.96 13.37 -4.29
N GLY F 120 28.31 14.64 -4.12
CA GLY F 120 27.40 15.70 -4.54
C GLY F 120 27.13 15.68 -6.03
N GLU F 121 28.16 15.47 -6.82
CA GLU F 121 27.96 15.38 -8.27
C GLU F 121 27.14 14.16 -8.62
N ILE F 122 27.37 13.04 -7.93
CA ILE F 122 26.62 11.81 -8.19
C ILE F 122 25.14 12.01 -7.97
N LEU F 123 24.76 12.71 -6.90
CA LEU F 123 23.36 13.02 -6.63
C LEU F 123 22.98 14.41 -7.11
N LYS F 124 23.87 15.09 -7.81
CA LYS F 124 23.56 16.39 -8.41
C LYS F 124 22.87 17.30 -7.40
N ILE F 125 23.52 17.48 -6.26
CA ILE F 125 22.95 18.23 -5.15
C ILE F 125 23.28 19.71 -5.32
N ARG F 126 22.25 20.55 -5.26
CA ARG F 126 22.44 21.98 -5.41
C ARG F 126 23.49 22.49 -4.43
N GLY F 127 24.27 23.47 -4.87
CA GLY F 127 25.33 24.00 -4.03
C GLY F 127 26.64 23.26 -4.22
N LEU F 128 26.56 21.96 -4.49
CA LEU F 128 27.73 21.15 -4.75
C LEU F 128 27.86 20.75 -6.21
N CYS F 129 26.75 20.61 -6.93
CA CYS F 129 26.78 20.04 -8.26
C CYS F 129 27.74 20.81 -9.15
N ARG F 130 28.62 20.07 -9.84
CA ARG F 130 29.57 20.68 -10.75
C ARG F 130 28.95 21.10 -12.07
N THR F 131 27.86 20.46 -12.48
CA THR F 131 27.21 20.76 -13.76
C THR F 131 28.22 20.71 -14.90
#